data_4OVP
#
_entry.id   4OVP
#
_cell.length_a   127.481
_cell.length_b   82.345
_cell.length_c   106.829
_cell.angle_alpha   90.000
_cell.angle_beta   140.070
_cell.angle_gamma   90.000
#
_symmetry.space_group_name_H-M   'C 1 2 1'
#
loop_
_entity.id
_entity.type
_entity.pdbx_description
1 polymer 'C4-dicarboxylate transport system substrate-binding protein'
2 non-polymer 'alpha-D-mannopyranuronic acid'
3 water water
#
_entity_poly.entity_id   1
_entity_poly.type   'polypeptide(L)'
_entity_poly.pdbx_seq_one_letter_code
;(MSE)HHHHHHSSGVDLGTENLYFQS(MSE)ETVLRGAS(MSE)FDEEHAFTKTLRKFEELVDEKYDGDVTFDLRLNGEL
GVESDYVTFLNQGVAIDYTILAPSN(MSE)AKFAPSIPL(MSE)D(MSE)PFLFRDLDHWNAVLSSDVLAPLEDELLEKA
DIKIVGYTGGGTRNLLSKQPVVTFDDLKGHK(MSE)RV(MSE)GAPIQAQIFQALTAAPSAIAYNEVYNAIQTGVIAGFE
NEAASIQNLKFYEVAPNLTLTRHSITVRPIV(MSE)SGKTFNSLPADLQAVVLEAGEEAGAYGRELESREDGVKLQE
(MSE)VDAGQLTVSEFENRDK(MSE)LE(MSE)VKPVQDAYAAEIGASDLLEAVRAK
;
_entity_poly.pdbx_strand_id   A,B
#
loop_
_chem_comp.id
_chem_comp.type
_chem_comp.name
_chem_comp.formula
MAV D-saccharide, alpha linking 'alpha-D-mannopyranuronic acid' 'C6 H10 O7'
#
# COMPACT_ATOMS: atom_id res chain seq x y z
N HIS A 2 -13.31 19.05 39.50
CA HIS A 2 -12.23 18.32 40.14
C HIS A 2 -12.73 16.90 40.58
N HIS A 3 -14.02 16.77 40.97
CA HIS A 3 -14.52 15.54 41.64
C HIS A 3 -14.88 14.37 40.70
N HIS A 4 -14.13 13.27 40.80
CA HIS A 4 -14.27 12.12 39.91
C HIS A 4 -14.77 10.87 40.61
N HIS A 5 -15.17 9.90 39.80
CA HIS A 5 -15.65 8.66 40.33
C HIS A 5 -14.49 7.90 41.00
N HIS A 6 -14.78 7.27 42.14
CA HIS A 6 -13.80 6.43 42.82
C HIS A 6 -13.85 4.98 42.35
N HIS A 7 -12.70 4.44 41.98
CA HIS A 7 -12.57 3.04 41.57
C HIS A 7 -11.58 2.30 42.48
N MSE A 23 -20.84 13.73 37.02
CA MSE A 23 -19.62 13.13 37.55
C MSE A 23 -19.12 12.00 36.64
O MSE A 23 -19.92 11.38 35.93
CB MSE A 23 -19.87 12.59 38.96
CG MSE A 23 -18.73 11.76 39.52
SE MSE A 23 -18.91 11.65 41.44
CE MSE A 23 -18.27 13.41 41.94
HA MSE A 23 -18.92 13.82 37.61
HB2 MSE A 23 -20.01 13.35 39.55
HB3 MSE A 23 -20.66 12.04 38.94
HG2 MSE A 23 -18.77 10.87 39.15
HG3 MSE A 23 -17.88 12.19 39.31
HE1 MSE A 23 -18.30 13.50 42.90
HE2 MSE A 23 -17.37 13.51 41.63
HE3 MSE A 23 -18.84 14.08 41.54
N GLU A 24 -17.82 11.74 36.68
CA GLU A 24 -17.22 10.91 35.64
C GLU A 24 -15.84 10.39 36.01
N THR A 25 -15.40 9.45 35.19
CA THR A 25 -14.04 8.90 35.24
C THR A 25 -13.22 9.59 34.15
N VAL A 26 -12.07 10.14 34.54
CA VAL A 26 -11.22 10.84 33.59
C VAL A 26 -9.95 10.02 33.35
N LEU A 27 -9.68 9.70 32.09
CA LEU A 27 -8.46 8.98 31.71
C LEU A 27 -7.57 9.94 30.95
N ARG A 28 -6.30 10.02 31.35
CA ARG A 28 -5.34 10.97 30.80
C ARG A 28 -4.38 10.26 29.88
N GLY A 29 -4.27 10.76 28.66
CA GLY A 29 -3.39 10.17 27.66
C GLY A 29 -2.25 11.11 27.30
N ALA A 30 -1.21 10.55 26.67
CA ALA A 30 -0.09 11.35 26.17
C ALA A 30 0.32 10.96 24.76
N SER A 31 0.68 11.97 23.96
CA SER A 31 1.31 11.74 22.68
C SER A 31 2.43 12.74 22.46
N MSE A 32 3.47 12.28 21.79
CA MSE A 32 4.63 13.13 21.46
C MSE A 32 4.35 14.00 20.25
O MSE A 32 5.12 14.92 19.96
CB MSE A 32 5.81 12.23 21.15
CG MSE A 32 6.34 11.48 22.34
SE MSE A 32 8.10 10.67 22.06
CE MSE A 32 7.67 9.49 20.59
H MSE A 32 3.54 11.47 21.50
HA MSE A 32 4.85 13.68 22.23
HB2 MSE A 32 5.55 11.58 20.48
HB3 MSE A 32 6.53 12.78 20.80
HG2 MSE A 32 6.41 12.09 23.09
HG3 MSE A 32 5.72 10.77 22.56
HE1 MSE A 32 8.46 9.01 20.34
HE2 MSE A 32 6.99 8.88 20.88
HE3 MSE A 32 7.35 10.01 19.86
N PHE A 33 3.27 13.69 19.55
CA PHE A 33 3.03 14.33 18.24
C PHE A 33 1.78 15.16 18.21
N ASP A 34 1.57 15.87 17.10
CA ASP A 34 0.34 16.65 16.91
C ASP A 34 -0.75 15.75 16.37
N GLU A 35 -1.90 16.33 15.96
CA GLU A 35 -3.06 15.54 15.55
C GLU A 35 -2.83 14.82 14.20
N GLU A 36 -1.76 15.18 13.49
CA GLU A 36 -1.55 14.63 12.15
C GLU A 36 -0.80 13.30 12.16
N HIS A 37 -0.29 12.91 13.31
CA HIS A 37 0.51 11.68 13.37
C HIS A 37 -0.37 10.45 13.69
N ALA A 38 -0.05 9.33 13.06
CA ALA A 38 -0.79 8.10 13.27
C ALA A 38 -0.97 7.67 14.74
N PHE A 39 0.02 7.88 15.62
CA PHE A 39 -0.16 7.55 17.04
C PHE A 39 -1.24 8.41 17.71
N THR A 40 -1.29 9.70 17.40
CA THR A 40 -2.33 10.57 17.96
C THR A 40 -3.69 10.14 17.41
N LYS A 41 -3.74 9.86 16.11
CA LYS A 41 -4.96 9.37 15.51
C LYS A 41 -5.43 8.04 16.11
N THR A 42 -4.49 7.15 16.43
CA THR A 42 -4.80 5.87 17.03
C THR A 42 -5.39 6.08 18.43
N LEU A 43 -4.79 6.98 19.18
CA LEU A 43 -5.30 7.30 20.51
C LEU A 43 -6.68 7.96 20.46
N ARG A 44 -6.94 8.81 19.46
CA ARG A 44 -8.26 9.40 19.30
C ARG A 44 -9.27 8.30 18.93
N LYS A 45 -8.84 7.34 18.10
CA LYS A 45 -9.73 6.23 17.73
C LYS A 45 -10.10 5.38 18.95
N PHE A 46 -9.10 5.14 19.80
CA PHE A 46 -9.30 4.41 21.05
C PHE A 46 -10.39 5.08 21.90
N GLU A 47 -10.23 6.37 22.09
CA GLU A 47 -11.20 7.18 22.84
C GLU A 47 -12.61 7.11 22.21
N GLU A 48 -12.70 7.23 20.90
CA GLU A 48 -13.97 7.14 20.18
C GLU A 48 -14.64 5.79 20.41
N LEU A 49 -13.83 4.73 20.37
CA LEU A 49 -14.41 3.38 20.47
C LEU A 49 -14.82 3.04 21.89
N VAL A 50 -14.08 3.52 22.88
CA VAL A 50 -14.53 3.31 24.25
C VAL A 50 -15.86 4.00 24.45
N ASP A 51 -15.99 5.22 23.91
CA ASP A 51 -17.25 5.96 24.03
C ASP A 51 -18.43 5.28 23.32
N GLU A 52 -18.17 4.71 22.13
CA GLU A 52 -19.19 3.95 21.41
C GLU A 52 -19.63 2.71 22.19
N LYS A 53 -18.67 2.07 22.85
CA LYS A 53 -18.86 0.73 23.39
C LYS A 53 -19.33 0.71 24.83
N TYR A 54 -18.97 1.74 25.58
CA TYR A 54 -19.21 1.71 27.00
C TYR A 54 -20.53 2.31 27.35
N ASP A 55 -21.40 1.46 27.88
CA ASP A 55 -22.66 1.86 28.47
C ASP A 55 -22.34 2.51 29.82
N GLY A 56 -21.82 3.74 29.77
CA GLY A 56 -21.34 4.42 30.95
C GLY A 56 -20.63 5.71 30.59
N ASP A 57 -20.13 6.43 31.58
CA ASP A 57 -19.51 7.74 31.34
C ASP A 57 -18.01 7.76 31.60
N VAL A 58 -17.25 8.14 30.57
CA VAL A 58 -15.80 8.29 30.69
C VAL A 58 -15.36 9.49 29.88
N THR A 59 -14.40 10.24 30.42
CA THR A 59 -13.84 11.42 29.76
C THR A 59 -12.36 11.19 29.48
N PHE A 60 -11.93 11.47 28.25
CA PHE A 60 -10.52 11.34 27.89
C PHE A 60 -9.86 12.69 27.74
N ASP A 61 -8.65 12.82 28.26
CA ASP A 61 -7.88 14.05 28.16
C ASP A 61 -6.52 13.73 27.55
N LEU A 62 -6.38 13.94 26.24
CA LEU A 62 -5.17 13.56 25.55
C LEU A 62 -4.25 14.78 25.43
N ARG A 63 -3.07 14.65 26.01
CA ARG A 63 -2.12 15.75 26.03
C ARG A 63 -1.08 15.48 24.95
N LEU A 64 -1.11 16.35 23.94
CA LEU A 64 -0.36 16.16 22.69
C LEU A 64 0.95 16.90 22.67
N ASN A 65 1.66 16.75 21.55
CA ASN A 65 2.81 17.58 21.21
C ASN A 65 3.94 17.43 22.22
N GLY A 66 3.97 16.31 22.92
CA GLY A 66 5.01 16.03 23.91
C GLY A 66 4.94 16.94 25.11
N GLU A 67 3.74 17.47 25.39
CA GLU A 67 3.53 18.36 26.55
C GLU A 67 3.97 17.67 27.83
N LEU A 68 3.79 16.35 27.89
CA LEU A 68 4.09 15.59 29.10
C LEU A 68 5.40 14.82 29.02
N GLY A 69 6.18 15.08 27.99
CA GLY A 69 7.49 14.47 27.85
C GLY A 69 7.60 13.55 26.64
N VAL A 70 8.53 12.61 26.71
CA VAL A 70 8.72 11.59 25.68
C VAL A 70 8.42 10.19 26.26
N GLU A 71 8.46 9.15 25.42
CA GLU A 71 8.13 7.81 25.86
C GLU A 71 8.88 7.31 27.07
N SER A 72 10.15 7.67 27.19
N SER A 72 10.15 7.68 27.18
CA SER A 72 10.96 7.27 28.34
CA SER A 72 10.98 7.31 28.32
C SER A 72 10.40 7.85 29.64
C SER A 72 10.47 7.88 29.62
N ASP A 73 9.78 9.02 29.55
CA ASP A 73 9.06 9.57 30.69
C ASP A 73 7.74 8.80 30.87
N TYR A 74 6.99 8.59 29.79
CA TYR A 74 5.68 7.96 29.91
C TYR A 74 5.76 6.60 30.59
N VAL A 75 6.78 5.82 30.24
CA VAL A 75 6.86 4.46 30.74
C VAL A 75 7.01 4.45 32.28
N THR A 76 7.85 5.34 32.80
CA THR A 76 7.94 5.45 34.27
C THR A 76 6.63 5.96 34.92
N PHE A 77 5.94 6.92 34.30
CA PHE A 77 4.62 7.35 34.77
C PHE A 77 3.64 6.14 34.87
N LEU A 78 3.53 5.35 33.81
CA LEU A 78 2.63 4.18 33.85
C LEU A 78 3.03 3.17 34.94
N ASN A 79 4.34 2.90 35.08
CA ASN A 79 4.81 1.98 36.13
C ASN A 79 4.41 2.47 37.53
N GLN A 80 4.46 3.79 37.72
CA GLN A 80 4.06 4.41 39.00
C GLN A 80 2.53 4.53 39.24
N GLY A 81 1.76 4.40 38.15
CA GLY A 81 0.33 4.53 38.25
C GLY A 81 -0.15 5.95 38.52
N VAL A 82 0.64 6.95 38.11
CA VAL A 82 0.21 8.37 38.22
C VAL A 82 0.57 9.13 36.96
N ALA A 83 0.10 10.38 36.89
CA ALA A 83 0.47 11.33 35.84
C ALA A 83 -0.27 11.11 34.52
N ILE A 84 -0.17 9.92 33.94
CA ILE A 84 -0.95 9.56 32.78
C ILE A 84 -1.47 8.13 32.96
N ASP A 85 -2.57 7.84 32.27
CA ASP A 85 -3.20 6.52 32.31
C ASP A 85 -2.89 5.66 31.07
N TYR A 86 -2.75 6.28 29.90
CA TYR A 86 -2.58 5.49 28.66
C TYR A 86 -1.72 6.25 27.65
N THR A 87 -1.05 5.50 26.77
CA THR A 87 -0.27 6.07 25.68
C THR A 87 0.11 4.92 24.73
N ILE A 88 1.08 5.16 23.86
CA ILE A 88 1.69 4.15 22.97
C ILE A 88 3.18 4.16 23.32
N LEU A 89 3.79 2.97 23.35
CA LEU A 89 5.21 2.84 23.65
C LEU A 89 5.95 1.90 22.72
N ALA A 90 7.18 2.31 22.37
CA ALA A 90 8.10 1.42 21.67
C ALA A 90 8.70 0.39 22.64
N PRO A 91 8.73 -0.90 22.23
CA PRO A 91 9.31 -1.92 23.13
C PRO A 91 10.74 -1.57 23.56
N SER A 92 11.51 -0.97 22.67
CA SER A 92 12.89 -0.64 23.00
C SER A 92 13.06 0.60 23.88
N ASN A 93 11.95 1.21 24.27
CA ASN A 93 11.95 2.22 25.33
C ASN A 93 11.50 1.69 26.68
N MSE A 94 11.22 0.40 26.74
CA MSE A 94 10.66 -0.24 27.93
C MSE A 94 11.63 -1.18 28.64
O MSE A 94 11.25 -1.84 29.61
CB MSE A 94 9.39 -1.01 27.58
CG MSE A 94 8.30 -0.18 26.99
SE MSE A 94 6.58 -1.13 27.03
CE MSE A 94 6.24 -1.34 25.16
H MSE A 94 11.35 -0.15 26.10
HA MSE A 94 10.41 0.47 28.56
HB2 MSE A 94 9.62 -1.69 26.91
HB3 MSE A 94 9.06 -1.44 28.37
HG2 MSE A 94 8.21 0.63 27.51
HG3 MSE A 94 8.51 0.03 26.07
HE1 MSE A 94 5.40 -1.80 25.05
HE2 MSE A 94 6.19 -0.47 24.75
HE3 MSE A 94 6.96 -1.85 24.77
N ALA A 95 12.87 -1.25 28.18
CA ALA A 95 13.81 -2.28 28.64
C ALA A 95 14.18 -2.25 30.13
N LYS A 96 14.18 -1.06 30.74
CA LYS A 96 14.50 -0.94 32.16
C LYS A 96 13.46 -1.57 33.08
N PHE A 97 12.25 -1.67 32.56
CA PHE A 97 11.07 -2.18 33.29
C PHE A 97 10.74 -3.62 32.89
N ALA A 98 11.05 -4.01 31.64
CA ALA A 98 10.81 -5.36 31.13
C ALA A 98 11.85 -5.77 30.08
N PRO A 99 12.93 -6.42 30.51
CA PRO A 99 14.10 -6.67 29.64
C PRO A 99 13.82 -7.53 28.43
N SER A 100 12.74 -8.33 28.47
CA SER A 100 12.34 -9.19 27.37
C SER A 100 11.56 -8.47 26.28
N ILE A 101 10.88 -7.37 26.61
CA ILE A 101 9.93 -6.82 25.65
C ILE A 101 10.56 -6.26 24.38
N PRO A 102 11.82 -5.79 24.45
CA PRO A 102 12.37 -5.34 23.15
C PRO A 102 12.47 -6.42 22.06
N LEU A 103 12.39 -7.70 22.41
CA LEU A 103 12.36 -8.76 21.40
C LEU A 103 11.22 -8.55 20.41
N MSE A 104 10.14 -7.93 20.88
CA MSE A 104 8.90 -7.79 20.15
C MSE A 104 9.07 -7.19 18.77
O MSE A 104 8.37 -7.57 17.85
CB MSE A 104 7.94 -6.95 21.00
CG MSE A 104 6.54 -6.94 20.59
SE MSE A 104 5.49 -6.02 21.93
CE MSE A 104 4.91 -7.43 23.11
H MSE A 104 10.11 -7.57 21.67
HA MSE A 104 8.49 -8.68 20.05
HB2 MSE A 104 7.98 -7.27 21.91
HB3 MSE A 104 8.25 -6.03 20.98
HG2 MSE A 104 6.44 -6.47 19.75
HG3 MSE A 104 6.21 -7.85 20.52
HE1 MSE A 104 4.38 -7.05 23.81
HE2 MSE A 104 4.38 -8.05 22.60
HE3 MSE A 104 5.67 -7.88 23.48
N ASP A 105 9.97 -6.22 18.61
CA ASP A 105 10.24 -5.66 17.28
C ASP A 105 11.70 -5.32 17.10
N MSE A 106 12.54 -6.20 17.58
CA MSE A 106 13.97 -5.92 17.48
C MSE A 106 14.41 -5.89 16.03
O MSE A 106 13.71 -6.40 15.14
CB MSE A 106 14.79 -6.91 18.29
CG MSE A 106 14.72 -8.31 17.79
SE MSE A 106 16.19 -9.45 18.52
CE MSE A 106 15.63 -11.14 17.69
H MSE A 106 12.34 -6.95 17.96
HA MSE A 106 14.13 -5.03 17.88
HB2 MSE A 106 15.72 -6.65 18.26
HB3 MSE A 106 14.48 -6.91 19.21
HG2 MSE A 106 13.87 -8.70 18.07
HG3 MSE A 106 14.79 -8.31 16.83
HE1 MSE A 106 16.24 -11.83 17.94
HE2 MSE A 106 14.75 -11.35 18.00
HE3 MSE A 106 15.63 -11.03 16.74
N PRO A 107 15.55 -5.21 15.76
CA PRO A 107 15.93 -5.03 14.37
C PRO A 107 16.09 -6.35 13.62
N PHE A 108 15.65 -6.33 12.38
CA PHE A 108 15.78 -7.45 11.45
C PHE A 108 15.02 -8.70 11.91
N LEU A 109 14.03 -8.52 12.76
CA LEU A 109 13.17 -9.64 13.18
C LEU A 109 12.18 -10.01 12.06
N PHE A 110 11.63 -9.01 11.36
CA PHE A 110 10.60 -9.26 10.35
C PHE A 110 11.16 -9.10 8.93
N ARG A 111 10.67 -9.92 8.00
CA ARG A 111 11.22 -10.00 6.65
C ARG A 111 10.57 -8.92 5.82
N ASP A 112 9.31 -8.63 6.17
CA ASP A 112 8.48 -7.73 5.40
C ASP A 112 7.12 -7.59 6.11
N LEU A 113 6.24 -6.79 5.53
CA LEU A 113 4.95 -6.51 6.16
C LEU A 113 4.11 -7.77 6.34
N ASP A 114 4.17 -8.69 5.38
CA ASP A 114 3.37 -9.90 5.52
C ASP A 114 3.78 -10.67 6.77
N HIS A 115 5.08 -10.70 7.06
CA HIS A 115 5.60 -11.48 8.19
C HIS A 115 5.12 -10.81 9.47
N TRP A 116 5.32 -9.50 9.52
CA TRP A 116 4.90 -8.70 10.65
C TRP A 116 3.42 -8.87 10.93
N ASN A 117 2.59 -8.82 9.89
CA ASN A 117 1.17 -9.07 10.05
C ASN A 117 0.81 -10.47 10.58
N ALA A 118 1.52 -11.49 10.10
CA ALA A 118 1.26 -12.86 10.59
C ALA A 118 1.46 -12.92 12.12
N VAL A 119 2.44 -12.19 12.63
CA VAL A 119 2.73 -12.16 14.07
C VAL A 119 1.63 -11.47 14.88
N LEU A 120 1.27 -10.27 14.47
CA LEU A 120 0.30 -9.49 15.21
C LEU A 120 -1.10 -10.09 15.14
N SER A 121 -1.30 -11.00 14.18
CA SER A 121 -2.59 -11.66 13.98
C SER A 121 -2.75 -12.86 14.90
N SER A 122 -1.63 -13.34 15.42
CA SER A 122 -1.65 -14.43 16.39
C SER A 122 -1.67 -13.89 17.83
N ASP A 123 -1.42 -14.79 18.76
CA ASP A 123 -1.19 -14.43 20.14
C ASP A 123 0.19 -14.90 20.58
N VAL A 124 1.09 -14.98 19.62
CA VAL A 124 2.43 -15.51 19.87
C VAL A 124 3.27 -14.59 20.80
N LEU A 125 2.94 -13.29 20.86
CA LEU A 125 3.68 -12.37 21.71
C LEU A 125 3.19 -12.42 23.14
N ALA A 126 2.25 -13.33 23.42
CA ALA A 126 1.58 -13.36 24.69
C ALA A 126 2.57 -13.41 25.86
N PRO A 127 3.62 -14.24 25.75
CA PRO A 127 4.56 -14.34 26.87
C PRO A 127 5.15 -12.99 27.23
N LEU A 128 5.28 -12.11 26.24
CA LEU A 128 5.89 -10.82 26.49
C LEU A 128 4.88 -9.83 27.11
N GLU A 129 3.59 -9.92 26.73
CA GLU A 129 2.56 -9.12 27.37
C GLU A 129 2.53 -9.47 28.86
N ASP A 130 2.57 -10.77 29.13
CA ASP A 130 2.54 -11.28 30.50
C ASP A 130 3.71 -10.74 31.34
N GLU A 131 4.93 -10.75 30.78
CA GLU A 131 6.08 -10.21 31.52
C GLU A 131 5.93 -8.73 31.79
N LEU A 132 5.48 -7.97 30.79
CA LEU A 132 5.29 -6.54 30.98
C LEU A 132 4.29 -6.26 32.11
N LEU A 133 3.19 -7.01 32.17
CA LEU A 133 2.21 -6.75 33.19
C LEU A 133 2.75 -7.15 34.58
N GLU A 134 3.41 -8.30 34.62
CA GLU A 134 3.96 -8.85 35.86
C GLU A 134 5.10 -8.00 36.42
N LYS A 135 6.07 -7.67 35.57
CA LYS A 135 7.27 -7.00 36.04
C LYS A 135 7.13 -5.49 36.11
N ALA A 136 6.39 -4.91 35.16
CA ALA A 136 6.34 -3.44 35.02
C ALA A 136 4.98 -2.84 35.43
N ASP A 137 3.99 -3.68 35.62
CA ASP A 137 2.63 -3.23 35.91
C ASP A 137 2.11 -2.33 34.82
N ILE A 138 2.33 -2.74 33.57
CA ILE A 138 1.80 -2.02 32.43
C ILE A 138 1.02 -3.03 31.58
N LYS A 139 -0.22 -2.70 31.23
CA LYS A 139 -1.13 -3.54 30.48
C LYS A 139 -1.15 -3.15 29.01
N ILE A 140 -0.87 -4.11 28.13
CA ILE A 140 -1.04 -3.90 26.70
C ILE A 140 -2.50 -4.13 26.33
N VAL A 141 -3.11 -3.14 25.67
CA VAL A 141 -4.53 -3.24 25.34
C VAL A 141 -4.73 -3.29 23.82
N GLY A 142 -3.65 -3.17 23.05
CA GLY A 142 -3.75 -3.32 21.60
C GLY A 142 -2.40 -3.04 20.97
N TYR A 143 -2.27 -3.24 19.66
CA TYR A 143 -0.99 -3.01 18.97
C TYR A 143 -1.17 -2.13 17.75
N THR A 144 -0.47 -1.00 17.73
CA THR A 144 -0.37 -0.20 16.51
C THR A 144 1.07 -0.36 15.94
N GLY A 145 1.51 0.57 15.09
CA GLY A 145 2.81 0.48 14.44
C GLY A 145 2.68 0.28 12.94
N GLY A 146 3.67 -0.40 12.34
CA GLY A 146 3.65 -0.59 10.91
C GLY A 146 4.55 0.34 10.11
N GLY A 147 5.33 1.18 10.80
CA GLY A 147 6.32 2.00 10.12
C GLY A 147 7.61 1.23 9.88
N THR A 148 8.33 1.62 8.84
CA THR A 148 9.61 0.96 8.54
C THR A 148 10.74 1.89 8.93
N ARG A 149 11.61 1.46 9.84
CA ARG A 149 12.70 2.32 10.29
C ARG A 149 13.90 2.15 9.37
N ASN A 150 14.45 3.31 8.97
CA ASN A 150 15.58 3.44 8.10
C ASN A 150 16.63 4.36 8.76
N LEU A 151 17.89 4.32 8.31
CA LEU A 151 18.90 5.32 8.72
C LEU A 151 18.57 6.70 8.17
N LEU A 152 18.73 7.73 8.98
CA LEU A 152 18.55 9.11 8.52
C LEU A 152 19.78 9.89 9.00
N SER A 153 20.51 10.50 8.09
CA SER A 153 21.84 11.03 8.40
C SER A 153 22.07 12.41 7.77
N LYS A 154 23.03 13.15 8.32
CA LYS A 154 23.44 14.43 7.75
C LYS A 154 23.98 14.22 6.34
N GLN A 155 24.94 13.32 6.21
CA GLN A 155 25.55 13.02 4.92
C GLN A 155 25.16 11.59 4.51
N PRO A 156 25.25 11.27 3.22
CA PRO A 156 24.88 9.94 2.74
C PRO A 156 25.64 8.83 3.45
N VAL A 157 24.92 7.80 3.85
CA VAL A 157 25.53 6.60 4.42
C VAL A 157 25.01 5.40 3.62
N VAL A 158 25.81 4.94 2.65
CA VAL A 158 25.30 3.97 1.68
C VAL A 158 26.13 2.72 1.51
N THR A 159 27.27 2.65 2.19
CA THR A 159 28.12 1.46 2.13
C THR A 159 28.57 1.06 3.53
N PHE A 160 29.15 -0.13 3.63
CA PHE A 160 29.69 -0.57 4.90
C PHE A 160 30.90 0.26 5.30
N ASP A 161 31.61 0.79 4.32
CA ASP A 161 32.68 1.76 4.60
C ASP A 161 32.11 3.01 5.28
N ASP A 162 30.98 3.51 4.79
CA ASP A 162 30.34 4.67 5.42
C ASP A 162 29.85 4.37 6.83
N LEU A 163 29.41 3.13 7.05
CA LEU A 163 28.78 2.75 8.32
C LEU A 163 29.81 2.52 9.43
N LYS A 164 31.03 2.16 9.06
CA LYS A 164 32.10 1.94 10.04
C LYS A 164 32.39 3.22 10.82
N GLY A 165 32.11 3.19 12.12
CA GLY A 165 32.33 4.34 12.98
C GLY A 165 31.28 5.40 12.82
N HIS A 166 30.17 5.07 12.17
CA HIS A 166 29.07 6.01 12.04
C HIS A 166 28.43 6.26 13.41
N LYS A 167 28.51 7.49 13.89
CA LYS A 167 27.93 7.86 15.18
C LYS A 167 26.45 8.09 15.01
N MSE A 168 25.64 7.26 15.68
CA MSE A 168 24.19 7.33 15.50
C MSE A 168 23.46 7.14 16.81
O MSE A 168 23.91 6.38 17.67
CB MSE A 168 23.69 6.26 14.50
CG MSE A 168 24.09 4.86 14.87
SE MSE A 168 23.45 3.53 13.59
CE MSE A 168 21.58 3.74 13.88
H MSE A 168 25.90 6.65 16.23
HA MSE A 168 23.95 8.20 15.14
HB2 MSE A 168 22.72 6.30 14.45
HB3 MSE A 168 24.08 6.46 13.63
HG2 MSE A 168 25.05 4.79 14.91
HG3 MSE A 168 23.70 4.64 15.74
HE1 MSE A 168 21.10 3.13 13.31
HE2 MSE A 168 21.38 3.54 14.80
HE3 MSE A 168 21.32 4.65 13.68
N ARG A 169 22.31 7.81 16.99
CA ARG A 169 21.49 7.62 18.16
C ARG A 169 20.64 6.37 18.02
N VAL A 170 20.53 5.62 19.12
CA VAL A 170 19.61 4.49 19.22
C VAL A 170 18.73 4.68 20.45
N MSE A 171 17.57 4.03 20.44
CA MSE A 171 16.77 3.85 21.64
C MSE A 171 17.60 3.09 22.68
O MSE A 171 18.65 2.51 22.35
CB MSE A 171 15.45 3.12 21.31
CG MSE A 171 14.53 3.94 20.41
SE MSE A 171 12.91 2.92 19.95
CE MSE A 171 13.69 1.72 18.64
H MSE A 171 17.22 3.68 19.75
HA MSE A 171 16.53 4.72 22.01
HB2 MSE A 171 15.66 2.29 20.84
HB3 MSE A 171 14.99 2.91 22.13
HG2 MSE A 171 14.26 4.75 20.89
HG3 MSE A 171 14.99 4.18 19.59
HE1 MSE A 171 13.00 1.14 18.31
HE2 MSE A 171 14.05 2.25 17.92
HE3 MSE A 171 14.38 1.22 19.06
N GLY A 172 17.16 3.11 23.93
CA GLY A 172 17.97 2.66 25.04
C GLY A 172 18.09 1.16 25.27
N ALA A 173 17.19 0.36 24.70
CA ALA A 173 17.25 -1.07 24.96
C ALA A 173 18.58 -1.62 24.47
N PRO A 174 19.21 -2.49 25.27
CA PRO A 174 20.54 -3.00 24.88
C PRO A 174 20.60 -3.60 23.50
N ILE A 175 19.54 -4.25 23.05
CA ILE A 175 19.55 -4.92 21.76
C ILE A 175 19.77 -3.93 20.61
N GLN A 176 19.32 -2.69 20.75
CA GLN A 176 19.49 -1.71 19.69
C GLN A 176 20.97 -1.39 19.47
N ALA A 177 21.68 -1.07 20.55
CA ALA A 177 23.10 -0.77 20.45
C ALA A 177 23.85 -2.01 19.97
N GLN A 178 23.47 -3.19 20.47
CA GLN A 178 24.18 -4.42 20.10
C GLN A 178 24.06 -4.66 18.58
N ILE A 179 22.89 -4.38 18.02
CA ILE A 179 22.67 -4.60 16.60
C ILE A 179 23.56 -3.68 15.76
N PHE A 180 23.50 -2.40 16.06
CA PHE A 180 24.25 -1.44 15.27
C PHE A 180 25.76 -1.51 15.49
N GLN A 181 26.18 -1.95 16.68
CA GLN A 181 27.59 -2.22 16.92
C GLN A 181 28.04 -3.39 16.03
N ALA A 182 27.19 -4.41 15.85
CA ALA A 182 27.56 -5.55 15.01
C ALA A 182 27.67 -5.14 13.54
N LEU A 183 26.99 -4.07 13.19
CA LEU A 183 27.07 -3.52 11.84
C LEU A 183 28.22 -2.53 11.72
N THR A 184 28.99 -2.39 12.81
CA THR A 184 30.26 -1.63 12.87
C THR A 184 30.07 -0.12 13.09
N ALA A 185 28.83 0.30 13.35
CA ALA A 185 28.52 1.68 13.74
C ALA A 185 28.90 1.92 15.20
N ALA A 186 28.81 3.19 15.61
CA ALA A 186 29.05 3.64 16.99
C ALA A 186 27.76 4.22 17.58
N PRO A 187 26.91 3.35 18.13
CA PRO A 187 25.62 3.85 18.62
C PRO A 187 25.76 4.60 19.94
N SER A 188 24.79 5.47 20.19
CA SER A 188 24.75 6.31 21.39
C SER A 188 23.30 6.39 21.84
N ALA A 189 23.03 6.06 23.09
CA ALA A 189 21.67 6.08 23.61
C ALA A 189 21.33 7.49 24.11
N ILE A 190 20.89 8.32 23.19
CA ILE A 190 20.59 9.73 23.42
C ILE A 190 19.06 9.90 23.42
N ALA A 191 18.56 10.77 24.30
CA ALA A 191 17.11 11.02 24.39
C ALA A 191 16.52 11.50 23.06
N TYR A 192 15.30 11.04 22.79
CA TYR A 192 14.64 11.33 21.50
C TYR A 192 14.49 12.84 21.30
N ASN A 193 14.22 13.57 22.38
CA ASN A 193 14.03 15.02 22.26
C ASN A 193 15.35 15.78 22.20
N GLU A 194 16.47 15.06 22.20
CA GLU A 194 17.79 15.69 22.11
C GLU A 194 18.45 15.37 20.77
N VAL A 195 17.83 14.47 20.00
CA VAL A 195 18.40 14.04 18.72
C VAL A 195 18.60 15.17 17.70
N TYR A 196 17.58 16.01 17.53
CA TYR A 196 17.62 17.06 16.52
C TYR A 196 18.84 17.99 16.77
N ASN A 197 19.00 18.45 18.00
CA ASN A 197 20.12 19.29 18.37
C ASN A 197 21.45 18.55 18.28
N ALA A 198 21.46 17.28 18.70
CA ALA A 198 22.71 16.50 18.67
C ALA A 198 23.22 16.33 17.24
N ILE A 199 22.30 16.20 16.28
CA ILE A 199 22.71 16.11 14.89
C ILE A 199 23.16 17.51 14.38
N GLN A 200 22.37 18.53 14.70
CA GLN A 200 22.57 19.89 14.20
C GLN A 200 23.92 20.38 14.70
N THR A 201 24.30 19.86 15.85
CA THR A 201 25.51 20.27 16.56
C THR A 201 26.68 19.34 16.26
N GLY A 202 26.41 18.24 15.56
CA GLY A 202 27.46 17.36 15.10
C GLY A 202 27.95 16.33 16.10
N VAL A 203 27.28 16.25 17.24
CA VAL A 203 27.55 15.24 18.25
C VAL A 203 27.38 13.81 17.68
N ILE A 204 26.37 13.65 16.84
CA ILE A 204 26.17 12.41 16.13
C ILE A 204 25.95 12.74 14.69
N ALA A 205 26.03 11.73 13.82
CA ALA A 205 25.86 11.97 12.39
C ALA A 205 24.44 11.65 11.94
N GLY A 206 23.69 10.95 12.77
CA GLY A 206 22.35 10.55 12.38
C GLY A 206 21.66 9.68 13.43
N PHE A 207 20.53 9.11 13.03
CA PHE A 207 19.79 8.18 13.88
C PHE A 207 19.00 7.25 12.96
N GLU A 208 17.92 6.67 13.45
CA GLU A 208 17.11 5.80 12.61
C GLU A 208 15.65 5.92 13.04
N ASN A 209 14.74 5.97 12.08
CA ASN A 209 13.33 6.23 12.40
C ASN A 209 12.49 5.91 11.18
N GLU A 210 11.19 5.81 11.41
CA GLU A 210 10.23 5.59 10.36
C GLU A 210 9.70 6.91 9.77
N ALA A 211 9.05 6.84 8.61
CA ALA A 211 8.65 8.01 7.83
C ALA A 211 7.76 8.98 8.59
N ALA A 212 6.75 8.46 9.29
CA ALA A 212 5.71 9.31 9.87
C ALA A 212 6.27 10.24 10.92
N SER A 213 7.19 9.74 11.74
CA SER A 213 7.77 10.52 12.80
C SER A 213 8.85 11.49 12.29
N ILE A 214 9.58 11.07 11.25
CA ILE A 214 10.58 11.91 10.62
C ILE A 214 9.88 13.13 10.04
N GLN A 215 8.77 12.91 9.36
CA GLN A 215 8.02 14.01 8.78
C GLN A 215 7.38 14.90 9.85
N ASN A 216 6.68 14.28 10.81
CA ASN A 216 5.92 15.06 11.79
C ASN A 216 6.82 15.97 12.65
N LEU A 217 8.01 15.51 13.00
CA LEU A 217 8.91 16.27 13.89
C LEU A 217 10.00 16.98 13.11
N LYS A 218 9.92 16.91 11.78
CA LYS A 218 10.80 17.68 10.92
C LYS A 218 12.27 17.31 11.04
N PHE A 219 12.58 16.04 11.33
CA PHE A 219 13.97 15.62 11.46
C PHE A 219 14.75 15.76 10.15
N TYR A 220 14.04 15.78 9.03
CA TYR A 220 14.71 15.99 7.75
C TYR A 220 15.45 17.34 7.69
N GLU A 221 15.08 18.28 8.55
CA GLU A 221 15.71 19.60 8.54
C GLU A 221 17.19 19.51 8.91
N VAL A 222 17.57 18.55 9.75
CA VAL A 222 18.96 18.39 10.13
C VAL A 222 19.62 17.14 9.54
N ALA A 223 18.81 16.18 9.10
CA ALA A 223 19.31 14.93 8.55
C ALA A 223 18.53 14.60 7.26
N PRO A 224 18.95 15.19 6.14
CA PRO A 224 18.21 15.02 4.88
C PRO A 224 18.57 13.76 4.05
N ASN A 225 19.42 12.87 4.57
CA ASN A 225 19.84 11.70 3.78
C ASN A 225 19.33 10.41 4.38
N LEU A 226 18.42 9.77 3.67
CA LEU A 226 17.80 8.56 4.18
C LEU A 226 18.37 7.36 3.46
N THR A 227 18.71 6.32 4.22
CA THR A 227 19.21 5.08 3.65
C THR A 227 18.21 3.95 3.91
N LEU A 228 17.83 3.25 2.85
CA LEU A 228 16.81 2.20 2.94
C LEU A 228 17.35 0.89 3.51
N THR A 229 17.72 0.91 4.78
CA THR A 229 18.16 -0.30 5.48
C THR A 229 16.97 -1.18 5.90
N ARG A 230 15.79 -0.56 6.00
CA ARG A 230 14.57 -1.24 6.38
C ARG A 230 14.79 -2.24 7.49
N HIS A 231 15.37 -1.78 8.59
CA HIS A 231 15.86 -2.68 9.61
C HIS A 231 14.88 -2.96 10.72
N SER A 232 13.74 -2.27 10.75
CA SER A 232 12.70 -2.56 11.73
C SER A 232 11.37 -2.24 11.11
N ILE A 233 10.38 -3.07 11.38
CA ILE A 233 8.99 -2.73 11.11
C ILE A 233 8.39 -2.60 12.50
N THR A 234 7.84 -1.44 12.84
CA THR A 234 7.52 -1.19 14.24
C THR A 234 6.30 -1.95 14.75
N VAL A 235 6.45 -2.38 16.00
CA VAL A 235 5.33 -2.89 16.81
C VAL A 235 5.19 -1.94 17.98
N ARG A 236 4.03 -1.33 18.09
CA ARG A 236 3.81 -0.24 19.04
C ARG A 236 2.57 -0.51 19.92
N PRO A 237 2.79 -1.19 21.03
CA PRO A 237 1.68 -1.46 21.94
C PRO A 237 0.99 -0.20 22.41
N ILE A 238 -0.35 -0.23 22.40
CA ILE A 238 -1.16 0.73 23.12
C ILE A 238 -1.25 0.21 24.55
N VAL A 239 -0.90 1.06 25.51
CA VAL A 239 -0.74 0.63 26.90
C VAL A 239 -1.52 1.50 27.87
N MSE A 240 -1.97 0.86 28.96
CA MSE A 240 -2.55 1.52 30.09
C MSE A 240 -1.80 1.10 31.36
O MSE A 240 -1.30 -0.03 31.45
CB MSE A 240 -4.06 1.18 30.22
CG MSE A 240 -4.78 1.88 31.38
SE MSE A 240 -6.73 1.63 31.22
CE MSE A 240 -7.03 2.54 29.55
H MSE A 240 -1.92 0.00 29.05
HA MSE A 240 -2.47 2.48 29.98
HB2 MSE A 240 -4.50 1.46 29.40
HB3 MSE A 240 -4.15 0.23 30.34
HG2 MSE A 240 -4.48 1.49 32.21
HG3 MSE A 240 -4.58 2.83 31.36
HE1 MSE A 240 -7.97 2.50 29.34
HE2 MSE A 240 -6.76 3.46 29.64
HE3 MSE A 240 -6.52 2.10 28.86
N SER A 241 -1.71 1.98 32.34
CA SER A 241 -1.12 1.55 33.57
C SER A 241 -1.89 0.36 34.15
N GLY A 242 -1.16 -0.58 34.72
CA GLY A 242 -1.81 -1.69 35.40
C GLY A 242 -2.67 -1.18 36.56
N LYS A 243 -2.19 -0.16 37.26
CA LYS A 243 -2.92 0.38 38.40
C LYS A 243 -4.27 0.93 37.96
N THR A 244 -4.30 1.67 36.86
CA THR A 244 -5.57 2.18 36.38
C THR A 244 -6.45 1.07 35.82
N PHE A 245 -5.90 0.24 34.95
CA PHE A 245 -6.68 -0.78 34.27
C PHE A 245 -7.35 -1.69 35.31
N ASN A 246 -6.56 -2.16 36.27
CA ASN A 246 -7.11 -3.09 37.25
C ASN A 246 -8.14 -2.44 38.15
N SER A 247 -8.14 -1.12 38.25
CA SER A 247 -9.09 -0.41 39.10
C SER A 247 -10.45 -0.23 38.41
N LEU A 248 -10.46 -0.28 37.08
CA LEU A 248 -11.67 0.02 36.35
C LEU A 248 -12.70 -1.09 36.57
N PRO A 249 -13.98 -0.72 36.50
CA PRO A 249 -15.05 -1.71 36.65
C PRO A 249 -14.89 -2.78 35.58
N ALA A 250 -15.34 -4.00 35.89
CA ALA A 250 -15.07 -5.13 35.01
C ALA A 250 -15.59 -4.92 33.59
N ASP A 251 -16.73 -4.25 33.46
CA ASP A 251 -17.29 -4.07 32.11
C ASP A 251 -16.43 -3.08 31.30
N LEU A 252 -15.93 -2.04 31.95
CA LEU A 252 -15.06 -1.10 31.27
C LEU A 252 -13.70 -1.74 30.92
N GLN A 253 -13.16 -2.60 31.79
CA GLN A 253 -11.97 -3.34 31.41
C GLN A 253 -12.16 -4.04 30.07
N ALA A 254 -13.23 -4.80 29.92
CA ALA A 254 -13.46 -5.56 28.70
C ALA A 254 -13.61 -4.64 27.48
N VAL A 255 -14.32 -3.52 27.67
CA VAL A 255 -14.44 -2.50 26.63
C VAL A 255 -13.08 -1.91 26.22
N VAL A 256 -12.23 -1.61 27.20
CA VAL A 256 -10.89 -1.10 26.92
C VAL A 256 -10.08 -2.09 26.06
N LEU A 257 -10.16 -3.38 26.36
CA LEU A 257 -9.44 -4.38 25.56
C LEU A 257 -10.02 -4.42 24.14
N GLU A 258 -11.35 -4.38 23.99
CA GLU A 258 -11.94 -4.41 22.65
C GLU A 258 -11.58 -3.15 21.86
N ALA A 259 -11.70 -2.00 22.50
CA ALA A 259 -11.38 -0.74 21.85
C ALA A 259 -9.90 -0.65 21.48
N GLY A 260 -9.05 -1.16 22.37
CA GLY A 260 -7.62 -1.14 22.12
C GLY A 260 -7.24 -2.02 20.94
N GLU A 261 -7.87 -3.18 20.86
CA GLU A 261 -7.57 -4.10 19.78
C GLU A 261 -7.95 -3.45 18.44
N GLU A 262 -9.14 -2.84 18.40
CA GLU A 262 -9.67 -2.26 17.17
C GLU A 262 -8.91 -1.00 16.78
N ALA A 263 -8.55 -0.18 17.77
CA ALA A 263 -7.79 1.03 17.53
C ALA A 263 -6.40 0.67 16.98
N GLY A 264 -5.82 -0.39 17.51
CA GLY A 264 -4.50 -0.86 17.06
C GLY A 264 -4.56 -1.30 15.60
N ALA A 265 -5.59 -2.08 15.26
CA ALA A 265 -5.79 -2.49 13.87
C ALA A 265 -5.89 -1.27 12.95
N TYR A 266 -6.65 -0.27 13.38
CA TYR A 266 -6.82 0.94 12.60
C TYR A 266 -5.50 1.66 12.39
N GLY A 267 -4.74 1.76 13.45
CA GLY A 267 -3.52 2.55 13.44
C GLY A 267 -2.43 1.91 12.63
N ARG A 268 -2.41 0.59 12.63
CA ARG A 268 -1.32 -0.05 11.92
C ARG A 268 -1.65 -0.18 10.42
N GLU A 269 -2.93 -0.28 10.08
CA GLU A 269 -3.35 -0.17 8.68
C GLU A 269 -2.98 1.21 8.17
N LEU A 270 -3.21 2.22 8.99
CA LEU A 270 -2.96 3.62 8.62
C LEU A 270 -1.46 3.86 8.38
N GLU A 271 -0.65 3.57 9.38
CA GLU A 271 0.78 3.91 9.31
C GLU A 271 1.45 3.08 8.21
N SER A 272 1.14 1.77 8.14
CA SER A 272 1.79 0.93 7.14
C SER A 272 1.43 1.39 5.71
N ARG A 273 0.19 1.81 5.48
CA ARG A 273 -0.20 2.30 4.17
C ARG A 273 0.44 3.65 3.84
N GLU A 274 0.64 4.51 4.84
CA GLU A 274 1.15 5.86 4.58
C GLU A 274 2.67 5.96 4.56
N ASP A 275 3.38 4.93 5.00
CA ASP A 275 4.84 5.05 5.18
C ASP A 275 5.55 5.42 3.89
N GLY A 276 5.34 4.64 2.83
CA GLY A 276 5.92 4.96 1.55
C GLY A 276 5.42 6.27 0.93
N VAL A 277 4.14 6.57 1.15
CA VAL A 277 3.55 7.81 0.66
C VAL A 277 4.26 9.03 1.27
N LYS A 278 4.60 8.93 2.56
CA LYS A 278 5.26 10.03 3.26
C LYS A 278 6.72 10.18 2.86
N LEU A 279 7.40 9.07 2.57
CA LEU A 279 8.73 9.16 2.03
C LEU A 279 8.67 9.95 0.72
N GLN A 280 7.70 9.63 -0.12
CA GLN A 280 7.55 10.31 -1.39
C GLN A 280 7.20 11.80 -1.24
N GLU A 281 6.35 12.13 -0.27
CA GLU A 281 6.04 13.51 0.02
C GLU A 281 7.34 14.27 0.33
N MSE A 282 8.21 13.68 1.15
CA MSE A 282 9.44 14.39 1.54
C MSE A 282 10.42 14.50 0.37
O MSE A 282 11.12 15.50 0.23
CB MSE A 282 10.07 13.72 2.75
CG MSE A 282 9.29 14.04 4.04
SE MSE A 282 10.01 13.27 5.64
CE MSE A 282 9.48 11.41 5.37
H MSE A 282 8.12 12.89 1.48
HA MSE A 282 9.20 15.30 1.81
HB2 MSE A 282 10.07 12.76 2.62
HB3 MSE A 282 10.98 14.04 2.86
HG2 MSE A 282 9.28 15.00 4.15
HG3 MSE A 282 8.38 13.71 3.93
HE1 MSE A 282 9.77 10.88 6.12
HE2 MSE A 282 8.52 11.36 5.30
HE3 MSE A 282 9.87 11.09 4.56
N VAL A 283 10.45 13.50 -0.50
CA VAL A 283 11.29 13.57 -1.69
C VAL A 283 10.78 14.68 -2.60
N ASP A 284 9.48 14.65 -2.85
CA ASP A 284 8.87 15.59 -3.77
C ASP A 284 9.10 17.01 -3.30
N ALA A 285 9.14 17.21 -1.99
CA ALA A 285 9.26 18.56 -1.44
C ALA A 285 10.71 18.98 -1.28
N GLY A 286 11.62 18.13 -1.72
CA GLY A 286 13.04 18.45 -1.67
C GLY A 286 13.61 18.36 -0.26
N GLN A 287 12.92 17.63 0.61
CA GLN A 287 13.31 17.52 2.01
C GLN A 287 14.20 16.33 2.31
N LEU A 288 14.08 15.27 1.51
CA LEU A 288 14.83 14.04 1.74
C LEU A 288 15.49 13.60 0.43
N THR A 289 16.67 13.00 0.55
CA THR A 289 17.24 12.26 -0.56
C THR A 289 17.29 10.81 -0.12
N VAL A 290 16.69 9.92 -0.91
CA VAL A 290 16.60 8.53 -0.49
C VAL A 290 17.56 7.65 -1.31
N SER A 291 18.34 6.83 -0.62
CA SER A 291 19.34 5.98 -1.26
C SER A 291 19.27 4.56 -0.73
N GLU A 292 19.61 3.60 -1.59
CA GLU A 292 19.74 2.20 -1.16
C GLU A 292 21.07 2.02 -0.42
N PHE A 293 21.16 0.98 0.42
CA PHE A 293 22.42 0.58 1.03
C PHE A 293 23.05 -0.57 0.20
N GLU A 294 24.29 -0.39 -0.24
CA GLU A 294 24.97 -1.42 -1.03
C GLU A 294 25.16 -2.71 -0.24
N ASN A 295 24.69 -3.83 -0.80
CA ASN A 295 24.86 -5.13 -0.14
C ASN A 295 24.17 -5.18 1.22
N ARG A 296 23.00 -4.55 1.26
CA ARG A 296 22.19 -4.50 2.47
C ARG A 296 21.96 -5.88 3.10
N ASP A 297 21.71 -6.91 2.29
CA ASP A 297 21.35 -8.22 2.85
C ASP A 297 22.46 -8.96 3.61
N LYS A 298 23.70 -8.54 3.43
CA LYS A 298 24.80 -8.99 4.27
C LYS A 298 24.52 -8.64 5.75
N MSE A 299 23.78 -7.56 5.97
CA MSE A 299 23.41 -7.17 7.34
C MSE A 299 22.74 -8.32 8.07
O MSE A 299 22.95 -8.49 9.26
CB MSE A 299 22.47 -5.96 7.31
CG MSE A 299 23.16 -4.70 6.89
SE MSE A 299 21.95 -3.17 6.95
CE MSE A 299 23.27 -1.71 6.95
H MSE A 299 23.48 -7.04 5.35
HA MSE A 299 24.22 -6.92 7.82
HB2 MSE A 299 21.75 -6.14 6.70
HB3 MSE A 299 22.12 -5.83 8.21
HG2 MSE A 299 23.90 -4.52 7.49
HG3 MSE A 299 23.48 -4.79 5.98
HE1 MSE A 299 22.81 -0.87 6.98
HE2 MSE A 299 23.83 -1.81 7.73
HE3 MSE A 299 23.80 -1.77 6.15
N LEU A 300 21.92 -9.09 7.35
CA LEU A 300 21.14 -10.14 7.99
C LEU A 300 22.04 -11.18 8.63
N GLU A 301 23.10 -11.58 7.94
CA GLU A 301 24.01 -12.58 8.50
C GLU A 301 24.78 -12.00 9.68
N MSE A 302 25.16 -10.72 9.59
CA MSE A 302 25.98 -10.10 10.60
C MSE A 302 25.28 -9.97 11.95
O MSE A 302 25.93 -10.04 12.98
CB MSE A 302 26.46 -8.74 10.14
CG MSE A 302 27.34 -8.80 8.90
SE MSE A 302 27.56 -7.04 8.12
CE MSE A 302 28.70 -6.20 9.44
H MSE A 302 24.93 -10.19 8.93
HA MSE A 302 26.77 -10.67 10.74
HB2 MSE A 302 25.69 -8.18 9.93
HB3 MSE A 302 26.98 -8.33 10.86
HG2 MSE A 302 28.22 -9.13 9.15
HG3 MSE A 302 26.93 -9.37 8.24
HE1 MSE A 302 28.89 -5.30 9.17
HE2 MSE A 302 28.26 -6.20 10.29
HE3 MSE A 302 29.52 -6.70 9.51
N VAL A 303 23.96 -9.77 11.93
CA VAL A 303 23.22 -9.52 13.19
C VAL A 303 22.64 -10.79 13.82
N LYS A 304 22.72 -11.91 13.13
CA LYS A 304 22.08 -13.12 13.62
C LYS A 304 22.63 -13.57 14.97
N PRO A 305 23.97 -13.57 15.13
CA PRO A 305 24.55 -13.95 16.42
C PRO A 305 24.05 -13.11 17.57
N VAL A 306 23.89 -11.81 17.35
CA VAL A 306 23.42 -10.90 18.37
C VAL A 306 21.96 -11.16 18.73
N GLN A 307 21.13 -11.43 17.73
CA GLN A 307 19.72 -11.74 17.96
C GLN A 307 19.59 -13.01 18.78
N ASP A 308 20.36 -14.04 18.40
CA ASP A 308 20.27 -15.34 19.04
C ASP A 308 20.72 -15.24 20.50
N ALA A 309 21.78 -14.48 20.73
CA ALA A 309 22.37 -14.36 22.06
C ALA A 309 21.43 -13.63 23.01
N TYR A 310 20.80 -12.58 22.53
CA TYR A 310 19.80 -11.85 23.30
C TYR A 310 18.64 -12.79 23.68
N ALA A 311 18.06 -13.49 22.69
CA ALA A 311 16.96 -14.42 22.96
C ALA A 311 17.36 -15.47 24.00
N ALA A 312 18.58 -15.99 23.88
CA ALA A 312 19.06 -17.01 24.80
C ALA A 312 19.20 -16.48 26.22
N GLU A 313 19.67 -15.25 26.34
CA GLU A 313 19.90 -14.62 27.63
C GLU A 313 18.58 -14.38 28.38
N ILE A 314 17.53 -14.01 27.66
CA ILE A 314 16.22 -13.79 28.29
C ILE A 314 15.35 -15.06 28.30
N GLY A 315 15.90 -16.18 27.83
CA GLY A 315 15.17 -17.44 27.84
C GLY A 315 14.02 -17.47 26.86
N ALA A 316 14.21 -16.81 25.72
CA ALA A 316 13.16 -16.69 24.73
C ALA A 316 13.56 -17.29 23.39
N SER A 317 14.49 -18.25 23.41
CA SER A 317 14.97 -18.87 22.17
C SER A 317 13.83 -19.52 21.37
N ASP A 318 12.92 -20.17 22.07
CA ASP A 318 11.83 -20.88 21.41
C ASP A 318 10.81 -19.89 20.83
N LEU A 319 10.58 -18.79 21.53
CA LEU A 319 9.72 -17.72 21.02
C LEU A 319 10.31 -17.12 19.74
N LEU A 320 11.60 -16.81 19.75
CA LEU A 320 12.24 -16.28 18.54
C LEU A 320 12.20 -17.25 17.34
N GLU A 321 12.44 -18.54 17.58
CA GLU A 321 12.44 -19.52 16.51
C GLU A 321 11.06 -19.61 15.83
N ALA A 322 10.01 -19.44 16.63
CA ALA A 322 8.66 -19.47 16.12
C ALA A 322 8.45 -18.30 15.16
N VAL A 323 8.89 -17.11 15.58
CA VAL A 323 8.69 -15.91 14.81
C VAL A 323 9.39 -16.02 13.46
N ARG A 324 10.60 -16.57 13.45
CA ARG A 324 11.39 -16.66 12.23
C ARG A 324 10.80 -17.66 11.23
N THR B 25 5.40 10.05 -42.99
CA THR B 25 4.98 8.93 -42.14
C THR B 25 3.46 8.85 -42.01
N VAL B 26 2.91 7.66 -42.19
CA VAL B 26 1.49 7.43 -41.96
C VAL B 26 1.32 6.45 -40.80
N LEU B 27 0.54 6.80 -39.79
CA LEU B 27 0.35 5.91 -38.65
C LEU B 27 -1.12 5.48 -38.58
N ARG B 28 -1.31 4.17 -38.49
CA ARG B 28 -2.62 3.55 -38.43
C ARG B 28 -2.96 3.22 -36.98
N GLY B 29 -4.10 3.73 -36.51
CA GLY B 29 -4.56 3.45 -35.17
C GLY B 29 -5.79 2.58 -35.17
N ALA B 30 -6.09 1.95 -34.03
CA ALA B 30 -7.33 1.22 -33.86
C ALA B 30 -7.99 1.52 -32.50
N SER B 31 -9.30 1.62 -32.50
CA SER B 31 -10.09 1.66 -31.28
C SER B 31 -11.33 0.78 -31.41
N MSE B 32 -11.72 0.17 -30.30
CA MSE B 32 -12.93 -0.62 -30.25
C MSE B 32 -14.20 0.23 -30.21
O MSE B 32 -15.30 -0.28 -30.44
CB MSE B 32 -12.92 -1.52 -29.04
CG MSE B 32 -11.80 -2.53 -29.05
SE MSE B 32 -12.07 -3.94 -27.72
CE MSE B 32 -11.85 -2.86 -26.09
H MSE B 32 -11.30 0.21 -29.55
HA MSE B 32 -12.96 -1.18 -31.06
HB2 MSE B 32 -12.82 -0.97 -28.25
HB3 MSE B 32 -13.75 -2.01 -29.01
HG2 MSE B 32 -11.76 -2.95 -29.92
HG3 MSE B 32 -10.96 -2.09 -28.85
HE1 MSE B 32 -11.95 -3.43 -25.32
HE2 MSE B 32 -10.97 -2.47 -26.10
HE3 MSE B 32 -12.52 -2.17 -26.08
N PHE B 33 -14.03 1.51 -29.88
CA PHE B 33 -15.15 2.40 -29.56
C PHE B 33 -15.40 3.51 -30.59
N ASP B 34 -16.56 4.14 -30.48
CA ASP B 34 -16.85 5.37 -31.23
C ASP B 34 -16.13 6.58 -30.63
N GLU B 35 -16.43 7.80 -31.09
CA GLU B 35 -15.67 8.97 -30.66
C GLU B 35 -15.95 9.43 -29.23
N GLU B 36 -16.99 8.88 -28.61
CA GLU B 36 -17.44 9.33 -27.27
C GLU B 36 -16.71 8.64 -26.11
N HIS B 37 -16.00 7.55 -26.38
CA HIS B 37 -15.32 6.81 -25.30
C HIS B 37 -13.93 7.40 -25.04
N ALA B 38 -13.53 7.40 -23.76
CA ALA B 38 -12.26 7.91 -23.32
C ALA B 38 -11.03 7.38 -24.09
N PHE B 39 -11.01 6.09 -24.43
CA PHE B 39 -9.89 5.56 -25.25
C PHE B 39 -9.77 6.26 -26.62
N THR B 40 -10.88 6.40 -27.33
CA THR B 40 -10.83 7.08 -28.63
C THR B 40 -10.40 8.53 -28.46
N LYS B 41 -10.92 9.18 -27.43
CA LYS B 41 -10.55 10.56 -27.12
C LYS B 41 -9.06 10.65 -26.80
N THR B 42 -8.54 9.67 -26.08
CA THR B 42 -7.10 9.60 -25.77
C THR B 42 -6.28 9.48 -27.05
N LEU B 43 -6.72 8.61 -27.96
CA LEU B 43 -6.04 8.40 -29.24
C LEU B 43 -6.13 9.64 -30.13
N ARG B 44 -7.25 10.37 -30.07
CA ARG B 44 -7.34 11.63 -30.80
C ARG B 44 -6.43 12.68 -30.20
N LYS B 45 -6.30 12.67 -28.88
CA LYS B 45 -5.42 13.61 -28.18
C LYS B 45 -3.96 13.35 -28.56
N PHE B 46 -3.57 12.08 -28.56
CA PHE B 46 -2.24 11.65 -29.04
C PHE B 46 -1.97 12.23 -30.42
N GLU B 47 -2.89 11.96 -31.35
CA GLU B 47 -2.77 12.45 -32.72
C GLU B 47 -2.62 13.98 -32.80
N GLU B 48 -3.39 14.69 -32.00
CA GLU B 48 -3.36 16.15 -32.02
C GLU B 48 -2.04 16.69 -31.45
N LEU B 49 -1.57 16.09 -30.37
CA LEU B 49 -0.32 16.50 -29.76
C LEU B 49 0.91 16.23 -30.64
N VAL B 50 0.94 15.10 -31.32
CA VAL B 50 2.03 14.82 -32.26
C VAL B 50 2.06 15.91 -33.34
N ASP B 51 0.88 16.24 -33.86
CA ASP B 51 0.78 17.31 -34.86
C ASP B 51 1.26 18.66 -34.32
N GLU B 52 0.89 19.00 -33.10
CA GLU B 52 1.39 20.22 -32.48
C GLU B 52 2.91 20.20 -32.41
N LYS B 53 3.48 19.08 -31.98
CA LYS B 53 4.88 19.02 -31.55
C LYS B 53 5.89 18.74 -32.67
N TYR B 54 5.43 18.10 -33.74
CA TYR B 54 6.34 17.62 -34.79
C TYR B 54 6.47 18.61 -35.94
N ASP B 55 7.69 18.77 -36.45
CA ASP B 55 7.99 19.68 -37.54
C ASP B 55 7.58 19.11 -38.89
N GLY B 56 7.80 17.80 -39.05
CA GLY B 56 7.62 17.14 -40.33
C GLY B 56 6.19 16.77 -40.65
N ASP B 57 6.05 15.92 -41.66
CA ASP B 57 4.75 15.48 -42.15
C ASP B 57 4.39 14.11 -41.61
N VAL B 58 3.24 14.00 -40.95
CA VAL B 58 2.75 12.72 -40.48
C VAL B 58 1.23 12.74 -40.51
N THR B 59 0.62 11.69 -41.03
CA THR B 59 -0.82 11.60 -41.11
C THR B 59 -1.29 10.40 -40.31
N PHE B 60 -2.49 10.51 -39.73
CA PHE B 60 -3.02 9.52 -38.83
C PHE B 60 -4.29 8.97 -39.45
N ASP B 61 -4.44 7.65 -39.40
CA ASP B 61 -5.67 7.00 -39.88
C ASP B 61 -6.19 6.10 -38.76
N LEU B 62 -7.15 6.60 -37.98
CA LEU B 62 -7.67 5.86 -36.85
C LEU B 62 -8.93 5.08 -37.22
N ARG B 63 -8.85 3.76 -37.11
CA ARG B 63 -9.94 2.86 -37.47
C ARG B 63 -10.74 2.55 -36.20
N LEU B 64 -11.90 3.19 -36.03
CA LEU B 64 -12.63 2.99 -34.79
C LEU B 64 -13.82 2.02 -34.91
N ASN B 65 -14.64 2.00 -33.87
CA ASN B 65 -15.80 1.10 -33.77
C ASN B 65 -15.50 -0.40 -33.90
N GLY B 66 -14.28 -0.81 -33.57
CA GLY B 66 -13.92 -2.22 -33.62
C GLY B 66 -13.86 -2.74 -35.04
N GLU B 67 -13.61 -1.86 -35.99
CA GLU B 67 -13.58 -2.28 -37.38
C GLU B 67 -12.44 -3.28 -37.70
N LEU B 68 -11.37 -3.30 -36.91
CA LEU B 68 -10.33 -4.29 -37.09
C LEU B 68 -10.37 -5.36 -36.01
N GLY B 69 -11.41 -5.37 -35.21
CA GLY B 69 -11.52 -6.35 -34.15
C GLY B 69 -11.52 -5.78 -32.75
N VAL B 70 -11.09 -6.65 -31.84
CA VAL B 70 -10.93 -6.30 -30.45
C VAL B 70 -9.45 -6.36 -30.01
N GLU B 71 -9.17 -5.96 -28.77
CA GLU B 71 -7.78 -5.89 -28.31
C GLU B 71 -6.98 -7.17 -28.51
N SER B 72 -7.65 -8.33 -28.38
CA SER B 72 -6.97 -9.60 -28.55
C SER B 72 -6.51 -9.80 -29.99
N ASP B 73 -7.22 -9.19 -30.95
CA ASP B 73 -6.74 -9.11 -32.31
C ASP B 73 -5.60 -8.08 -32.43
N TYR B 74 -5.79 -6.90 -31.85
CA TYR B 74 -4.81 -5.83 -31.98
C TYR B 74 -3.42 -6.24 -31.50
N VAL B 75 -3.34 -6.93 -30.35
CA VAL B 75 -2.04 -7.28 -29.81
C VAL B 75 -1.23 -8.17 -30.76
N THR B 76 -1.91 -9.07 -31.47
CA THR B 76 -1.24 -9.91 -32.44
C THR B 76 -0.80 -9.11 -33.67
N PHE B 77 -1.63 -8.18 -34.14
CA PHE B 77 -1.26 -7.32 -35.24
C PHE B 77 0.02 -6.53 -34.89
N LEU B 78 0.05 -5.92 -33.70
CA LEU B 78 1.21 -5.15 -33.27
C LEU B 78 2.45 -6.03 -33.16
N ASN B 79 2.31 -7.21 -32.55
CA ASN B 79 3.43 -8.11 -32.40
C ASN B 79 4.06 -8.51 -33.74
N GLN B 80 3.20 -8.67 -34.75
CA GLN B 80 3.62 -9.05 -36.08
C GLN B 80 4.12 -7.83 -36.90
N GLY B 81 3.77 -6.64 -36.45
CA GLY B 81 4.18 -5.42 -37.12
C GLY B 81 3.42 -5.14 -38.39
N VAL B 82 2.15 -5.51 -38.41
CA VAL B 82 1.27 -5.18 -39.54
C VAL B 82 -0.10 -4.62 -39.12
N ALA B 83 -0.77 -4.00 -40.08
CA ALA B 83 -2.18 -3.56 -39.96
C ALA B 83 -2.46 -2.32 -39.10
N ILE B 84 -1.88 -2.30 -37.90
CA ILE B 84 -2.12 -1.27 -36.90
C ILE B 84 -0.75 -0.86 -36.36
N ASP B 85 -0.50 0.45 -36.25
CA ASP B 85 0.71 0.96 -35.65
C ASP B 85 0.56 1.35 -34.18
N TYR B 86 -0.61 1.85 -33.77
CA TYR B 86 -0.82 2.29 -32.38
C TYR B 86 -2.24 2.02 -31.93
N THR B 87 -2.41 1.80 -30.62
CA THR B 87 -3.71 1.57 -30.03
C THR B 87 -3.53 1.63 -28.52
N ILE B 88 -4.54 1.18 -27.81
CA ILE B 88 -4.52 1.02 -26.35
C ILE B 88 -4.85 -0.43 -26.04
N LEU B 89 -4.20 -1.01 -25.02
CA LEU B 89 -4.38 -2.42 -24.66
C LEU B 89 -4.44 -2.63 -23.15
N ALA B 90 -5.33 -3.52 -22.74
CA ALA B 90 -5.37 -4.01 -21.36
C ALA B 90 -4.25 -5.03 -21.16
N PRO B 91 -3.50 -4.89 -20.06
CA PRO B 91 -2.48 -5.87 -19.66
C PRO B 91 -3.00 -7.29 -19.68
N SER B 92 -4.24 -7.52 -19.27
CA SER B 92 -4.77 -8.90 -19.21
C SER B 92 -5.24 -9.44 -20.56
N ASN B 93 -5.08 -8.65 -21.62
CA ASN B 93 -5.23 -9.15 -22.98
C ASN B 93 -3.86 -9.43 -23.66
N MSE B 94 -2.77 -9.25 -22.92
CA MSE B 94 -1.42 -9.37 -23.51
C MSE B 94 -0.61 -10.57 -22.99
O MSE B 94 0.60 -10.67 -23.28
CB MSE B 94 -0.60 -8.08 -23.26
CG MSE B 94 -1.19 -6.81 -23.82
SE MSE B 94 0.10 -5.33 -23.82
CE MSE B 94 -0.68 -4.16 -22.49
H MSE B 94 -2.77 -9.05 -22.09
HA MSE B 94 -1.51 -9.47 -24.48
HB2 MSE B 94 -0.49 -7.95 -22.30
HB3 MSE B 94 0.28 -8.19 -23.66
HG2 MSE B 94 -1.47 -6.98 -24.73
HG3 MSE B 94 -1.96 -6.56 -23.28
HE1 MSE B 94 -0.12 -3.39 -22.39
HE2 MSE B 94 -1.56 -3.90 -22.77
HE3 MSE B 94 -0.72 -4.64 -21.66
N ALA B 95 -1.24 -11.46 -22.24
CA ALA B 95 -0.51 -12.46 -21.46
C ALA B 95 0.21 -13.46 -22.34
N LYS B 96 -0.31 -13.71 -23.54
CA LYS B 96 0.30 -14.73 -24.40
C LYS B 96 1.67 -14.30 -24.88
N PHE B 97 1.90 -12.99 -24.94
CA PHE B 97 3.15 -12.44 -25.47
C PHE B 97 4.09 -11.98 -24.36
N ALA B 98 3.51 -11.62 -23.21
CA ALA B 98 4.29 -11.07 -22.10
C ALA B 98 3.60 -11.48 -20.81
N PRO B 99 3.95 -12.64 -20.29
CA PRO B 99 3.25 -13.25 -19.16
C PRO B 99 3.31 -12.45 -17.88
N SER B 100 4.28 -11.54 -17.75
CA SER B 100 4.38 -10.74 -16.53
C SER B 100 3.49 -9.51 -16.60
N ILE B 101 3.10 -9.10 -17.80
CA ILE B 101 2.44 -7.83 -17.90
C ILE B 101 1.06 -7.70 -17.23
N PRO B 102 0.30 -8.81 -17.09
CA PRO B 102 -0.97 -8.70 -16.35
C PRO B 102 -0.80 -8.25 -14.88
N LEU B 103 0.41 -8.35 -14.35
CA LEU B 103 0.68 -7.86 -12.99
C LEU B 103 0.33 -6.37 -12.88
N MSE B 104 0.51 -5.63 -13.96
CA MSE B 104 0.41 -4.17 -14.00
C MSE B 104 -0.90 -3.61 -13.47
O MSE B 104 -0.93 -2.51 -12.88
CB MSE B 104 0.56 -3.74 -15.47
CG MSE B 104 0.71 -2.31 -15.71
SE MSE B 104 1.10 -1.98 -17.58
CE MSE B 104 3.06 -2.03 -17.55
H MSE B 104 0.72 -5.97 -14.73
HA MSE B 104 1.16 -3.78 -13.50
HB2 MSE B 104 1.34 -4.17 -15.84
HB3 MSE B 104 -0.23 -4.03 -15.95
HG2 MSE B 104 -0.11 -1.84 -15.49
HG3 MSE B 104 1.44 -1.96 -15.18
HE1 MSE B 104 3.39 -1.88 -18.43
HE2 MSE B 104 3.38 -1.35 -16.96
HE3 MSE B 104 3.34 -2.90 -17.24
N ASP B 105 -2.00 -4.33 -13.65
CA ASP B 105 -3.26 -3.87 -13.09
C ASP B 105 -4.14 -5.04 -12.67
N MSE B 106 -3.51 -6.08 -12.15
CA MSE B 106 -4.28 -7.26 -11.73
C MSE B 106 -5.30 -6.88 -10.66
O MSE B 106 -5.18 -5.85 -9.99
CB MSE B 106 -3.38 -8.38 -11.23
CG MSE B 106 -2.65 -8.09 -9.97
SE MSE B 106 -1.75 -9.69 -9.27
CE MSE B 106 -0.65 -8.76 -7.94
H MSE B 106 -2.66 -6.15 -12.04
HA MSE B 106 -4.75 -7.59 -12.51
HB2 MSE B 106 -3.92 -9.17 -11.07
HB3 MSE B 106 -2.72 -8.58 -11.92
HG2 MSE B 106 -1.97 -7.41 -10.14
HG3 MSE B 106 -3.28 -7.78 -9.30
HE1 MSE B 106 -0.11 -9.41 -7.47
HE2 MSE B 106 -0.08 -8.13 -8.39
HE3 MSE B 106 -1.23 -8.31 -7.33
N PRO B 107 -6.35 -7.69 -10.53
CA PRO B 107 -7.39 -7.33 -9.58
C PRO B 107 -6.88 -7.11 -8.14
N PHE B 108 -7.44 -6.09 -7.50
CA PHE B 108 -7.18 -5.72 -6.10
C PHE B 108 -5.73 -5.32 -5.86
N LEU B 109 -5.01 -4.94 -6.92
CA LEU B 109 -3.67 -4.40 -6.74
C LEU B 109 -3.67 -3.02 -6.08
N PHE B 110 -4.60 -2.14 -6.47
CA PHE B 110 -4.59 -0.76 -6.00
C PHE B 110 -5.64 -0.56 -4.90
N ARG B 111 -5.28 0.19 -3.87
CA ARG B 111 -6.17 0.45 -2.73
C ARG B 111 -7.25 1.43 -3.16
N ASP B 112 -6.86 2.38 -3.99
CA ASP B 112 -7.70 3.50 -4.40
C ASP B 112 -7.04 4.30 -5.50
N LEU B 113 -7.71 5.36 -5.96
CA LEU B 113 -7.15 6.18 -7.02
C LEU B 113 -5.85 6.86 -6.63
N ASP B 114 -5.69 7.27 -5.37
CA ASP B 114 -4.44 7.90 -4.98
C ASP B 114 -3.26 6.93 -5.22
N HIS B 115 -3.46 5.68 -4.85
CA HIS B 115 -2.40 4.66 -4.95
C HIS B 115 -2.11 4.42 -6.42
N TRP B 116 -3.16 4.24 -7.20
CA TRP B 116 -3.01 4.04 -8.64
C TRP B 116 -2.23 5.21 -9.29
N ASN B 117 -2.60 6.45 -8.95
CA ASN B 117 -1.89 7.61 -9.44
C ASN B 117 -0.43 7.59 -9.02
N ALA B 118 -0.16 7.17 -7.80
CA ALA B 118 1.21 7.17 -7.28
C ALA B 118 2.06 6.18 -8.09
N VAL B 119 1.45 5.07 -8.44
CA VAL B 119 2.15 4.04 -9.19
C VAL B 119 2.49 4.55 -10.59
N LEU B 120 1.53 5.16 -11.27
CA LEU B 120 1.74 5.63 -12.64
C LEU B 120 2.66 6.85 -12.71
N SER B 121 2.70 7.63 -11.64
CA SER B 121 3.61 8.79 -11.58
C SER B 121 5.07 8.39 -11.37
N SER B 122 5.29 7.18 -10.87
CA SER B 122 6.65 6.67 -10.61
C SER B 122 7.14 5.92 -11.83
N ASP B 123 8.33 5.35 -11.71
CA ASP B 123 8.84 4.50 -12.78
C ASP B 123 8.83 3.03 -12.33
N VAL B 124 7.99 2.68 -11.37
CA VAL B 124 8.04 1.33 -10.79
C VAL B 124 7.68 0.21 -11.81
N LEU B 125 6.84 0.54 -12.79
CA LEU B 125 6.43 -0.42 -13.82
C LEU B 125 7.49 -0.66 -14.91
N ALA B 126 8.62 0.04 -14.84
CA ALA B 126 9.62 -0.03 -15.90
C ALA B 126 10.01 -1.45 -16.33
N PRO B 127 10.20 -2.39 -15.37
CA PRO B 127 10.59 -3.74 -15.80
C PRO B 127 9.52 -4.44 -16.66
N LEU B 128 8.25 -4.13 -16.42
CA LEU B 128 7.17 -4.68 -17.21
C LEU B 128 7.19 -4.06 -18.62
N GLU B 129 7.43 -2.74 -18.69
CA GLU B 129 7.60 -2.06 -19.99
C GLU B 129 8.73 -2.72 -20.78
N ASP B 130 9.85 -2.99 -20.10
CA ASP B 130 11.00 -3.60 -20.74
C ASP B 130 10.67 -5.00 -21.26
N GLU B 131 9.98 -5.82 -20.47
CA GLU B 131 9.63 -7.16 -20.94
C GLU B 131 8.73 -7.10 -22.17
N LEU B 132 7.73 -6.22 -22.15
CA LEU B 132 6.81 -6.11 -23.26
C LEU B 132 7.53 -5.75 -24.57
N LEU B 133 8.49 -4.82 -24.50
CA LEU B 133 9.25 -4.45 -25.69
C LEU B 133 10.15 -5.60 -26.15
N GLU B 134 10.79 -6.26 -25.20
CA GLU B 134 11.79 -7.27 -25.53
C GLU B 134 11.15 -8.54 -26.06
N LYS B 135 10.07 -8.95 -25.42
CA LYS B 135 9.43 -10.23 -25.73
C LYS B 135 8.36 -10.13 -26.77
N ALA B 136 7.67 -9.00 -26.84
CA ALA B 136 6.49 -8.87 -27.69
C ALA B 136 6.67 -7.82 -28.77
N ASP B 137 7.80 -7.12 -28.75
CA ASP B 137 8.03 -6.01 -29.68
C ASP B 137 6.88 -5.01 -29.70
N ILE B 138 6.40 -4.66 -28.51
CA ILE B 138 5.40 -3.61 -28.32
C ILE B 138 5.95 -2.57 -27.36
N LYS B 139 5.87 -1.31 -27.76
CA LYS B 139 6.43 -0.19 -27.03
C LYS B 139 5.31 0.58 -26.32
N ILE B 140 5.37 0.65 -25.00
CA ILE B 140 4.50 1.56 -24.26
C ILE B 140 4.98 3.00 -24.41
N VAL B 141 4.08 3.86 -24.89
CA VAL B 141 4.42 5.28 -25.08
C VAL B 141 3.66 6.20 -24.14
N GLY B 142 2.72 5.65 -23.37
CA GLY B 142 2.03 6.41 -22.34
C GLY B 142 1.05 5.52 -21.60
N TYR B 143 0.36 6.07 -20.60
CA TYR B 143 -0.64 5.34 -19.84
C TYR B 143 -1.96 6.09 -19.70
N THR B 144 -3.03 5.48 -20.21
CA THR B 144 -4.36 5.93 -19.93
C THR B 144 -5.05 4.91 -18.98
N GLY B 145 -6.38 4.97 -18.88
CA GLY B 145 -7.14 4.14 -17.96
C GLY B 145 -7.77 4.94 -16.82
N GLY B 146 -7.96 4.28 -15.68
CA GLY B 146 -8.52 4.95 -14.51
C GLY B 146 -10.00 4.63 -14.28
N GLY B 147 -10.53 3.67 -15.03
CA GLY B 147 -11.87 3.18 -14.77
C GLY B 147 -11.85 2.15 -13.65
N THR B 148 -12.96 1.98 -12.96
CA THR B 148 -13.05 0.99 -11.87
C THR B 148 -13.95 -0.14 -12.30
N ARG B 149 -13.39 -1.34 -12.36
CA ARG B 149 -14.14 -2.51 -12.78
C ARG B 149 -14.98 -3.10 -11.67
N ASN B 150 -16.25 -3.37 -12.00
CA ASN B 150 -17.22 -3.98 -11.13
C ASN B 150 -17.91 -5.16 -11.80
N LEU B 151 -18.50 -6.04 -11.00
CA LEU B 151 -19.35 -7.09 -11.56
C LEU B 151 -20.60 -6.47 -12.18
N LEU B 152 -21.00 -7.00 -13.33
CA LEU B 152 -22.23 -6.59 -14.00
C LEU B 152 -22.92 -7.89 -14.42
N SER B 153 -24.17 -8.07 -14.02
CA SER B 153 -24.83 -9.37 -14.16
C SER B 153 -26.33 -9.25 -14.51
N LYS B 154 -26.90 -10.35 -14.96
CA LYS B 154 -28.32 -10.45 -15.27
C LYS B 154 -29.16 -10.23 -14.01
N GLN B 155 -28.77 -10.89 -12.92
CA GLN B 155 -29.49 -10.80 -11.66
C GLN B 155 -28.57 -10.25 -10.57
N PRO B 156 -29.14 -9.80 -9.45
CA PRO B 156 -28.25 -9.26 -8.41
C PRO B 156 -27.25 -10.30 -7.89
N VAL B 157 -26.01 -9.87 -7.66
CA VAL B 157 -25.00 -10.70 -7.02
C VAL B 157 -24.41 -9.89 -5.87
N VAL B 158 -24.93 -10.09 -4.66
CA VAL B 158 -24.51 -9.21 -3.55
C VAL B 158 -23.97 -9.93 -2.34
N THR B 159 -23.96 -11.25 -2.37
CA THR B 159 -23.40 -12.02 -1.26
C THR B 159 -22.44 -13.08 -1.77
N PHE B 160 -21.67 -13.68 -0.86
CA PHE B 160 -20.82 -14.78 -1.27
C PHE B 160 -21.66 -15.97 -1.71
N ASP B 161 -22.87 -16.11 -1.15
CA ASP B 161 -23.74 -17.19 -1.58
C ASP B 161 -24.18 -16.97 -3.03
N ASP B 162 -24.36 -15.71 -3.43
CA ASP B 162 -24.72 -15.40 -4.81
C ASP B 162 -23.52 -15.66 -5.75
N LEU B 163 -22.33 -15.35 -5.25
CA LEU B 163 -21.14 -15.44 -6.09
C LEU B 163 -20.70 -16.89 -6.36
N LYS B 164 -21.08 -17.80 -5.45
CA LYS B 164 -20.68 -19.20 -5.55
C LYS B 164 -21.22 -19.84 -6.81
N GLY B 165 -20.30 -20.28 -7.66
CA GLY B 165 -20.63 -20.91 -8.92
C GLY B 165 -21.14 -19.95 -9.96
N HIS B 166 -21.08 -18.65 -9.66
CA HIS B 166 -21.54 -17.62 -10.59
C HIS B 166 -20.75 -17.66 -11.88
N LYS B 167 -21.43 -17.90 -12.98
CA LYS B 167 -20.77 -18.04 -14.27
C LYS B 167 -20.53 -16.66 -14.89
N MSE B 168 -19.26 -16.30 -15.06
CA MSE B 168 -18.89 -14.96 -15.51
C MSE B 168 -17.73 -15.00 -16.51
O MSE B 168 -16.79 -15.79 -16.41
CB MSE B 168 -18.51 -14.08 -14.31
CG MSE B 168 -17.35 -14.64 -13.48
SE MSE B 168 -16.88 -13.48 -12.00
CE MSE B 168 -16.11 -11.98 -12.94
H MSE B 168 -18.59 -16.81 -14.91
HA MSE B 168 -19.67 -14.56 -15.94
HB2 MSE B 168 -18.25 -13.21 -14.63
HB3 MSE B 168 -19.28 -14.01 -13.72
HG2 MSE B 168 -17.61 -15.50 -13.12
HG3 MSE B 168 -16.58 -14.73 -14.06
HE1 MSE B 168 -15.83 -11.31 -12.29
HE2 MSE B 168 -15.35 -12.27 -13.45
HE3 MSE B 168 -16.78 -11.60 -13.53
N ARG B 169 -17.79 -14.10 -17.49
CA ARG B 169 -16.67 -13.92 -18.37
C ARG B 169 -15.53 -13.12 -17.73
N VAL B 170 -14.29 -13.56 -17.99
CA VAL B 170 -13.08 -12.84 -17.68
C VAL B 170 -12.20 -12.65 -18.93
N MSE B 171 -11.29 -11.67 -18.86
CA MSE B 171 -10.22 -11.51 -19.86
C MSE B 171 -9.33 -12.76 -19.76
O MSE B 171 -9.36 -13.49 -18.76
CB MSE B 171 -9.43 -10.22 -19.64
CG MSE B 171 -10.25 -8.95 -19.90
SE MSE B 171 -9.20 -7.34 -19.59
CE MSE B 171 -9.20 -7.40 -17.65
H MSE B 171 -11.27 -11.08 -18.24
HA MSE B 171 -10.63 -11.48 -20.75
HB2 MSE B 171 -9.12 -10.19 -18.72
HB3 MSE B 171 -8.68 -10.21 -20.25
HG2 MSE B 171 -10.55 -8.94 -20.82
HG3 MSE B 171 -11.01 -8.93 -19.29
HE1 MSE B 171 -8.70 -6.66 -17.32
HE2 MSE B 171 -10.10 -7.37 -17.33
HE3 MSE B 171 -8.77 -8.23 -17.37
N GLY B 172 -8.51 -13.00 -20.77
CA GLY B 172 -7.79 -14.26 -20.90
C GLY B 172 -6.59 -14.50 -19.99
N ALA B 173 -5.99 -13.44 -19.46
CA ALA B 173 -4.76 -13.65 -18.66
C ALA B 173 -5.07 -14.58 -17.50
N PRO B 174 -4.17 -15.53 -17.19
CA PRO B 174 -4.50 -16.52 -16.15
C PRO B 174 -4.89 -15.91 -14.82
N ILE B 175 -4.31 -14.76 -14.46
CA ILE B 175 -4.61 -14.14 -13.18
C ILE B 175 -6.08 -13.77 -12.99
N GLN B 176 -6.76 -13.39 -14.07
CA GLN B 176 -8.15 -13.01 -13.93
C GLN B 176 -8.99 -14.18 -13.45
N ALA B 177 -8.90 -15.32 -14.13
CA ALA B 177 -9.66 -16.49 -13.71
C ALA B 177 -9.22 -16.95 -12.32
N GLN B 178 -7.94 -16.88 -12.03
CA GLN B 178 -7.46 -17.34 -10.73
C GLN B 178 -8.09 -16.52 -9.59
N ILE B 179 -8.14 -15.21 -9.77
CA ILE B 179 -8.78 -14.32 -8.78
C ILE B 179 -10.25 -14.68 -8.57
N PHE B 180 -11.01 -14.78 -9.64
CA PHE B 180 -12.42 -14.99 -9.53
C PHE B 180 -12.78 -16.41 -9.06
N GLN B 181 -11.96 -17.40 -9.43
CA GLN B 181 -12.09 -18.75 -8.89
C GLN B 181 -11.84 -18.75 -7.37
N ALA B 182 -10.86 -17.99 -6.91
CA ALA B 182 -10.57 -17.91 -5.47
C ALA B 182 -11.71 -17.21 -4.72
N LEU B 183 -12.48 -16.39 -5.43
CA LEU B 183 -13.69 -15.77 -4.85
C LEU B 183 -14.94 -16.67 -4.95
N THR B 184 -14.72 -17.90 -5.45
CA THR B 184 -15.68 -19.00 -5.60
C THR B 184 -16.62 -18.92 -6.84
N ALA B 185 -16.41 -17.93 -7.70
CA ALA B 185 -17.12 -17.86 -8.96
C ALA B 185 -16.62 -18.91 -9.97
N ALA B 186 -17.29 -18.96 -11.13
CA ALA B 186 -16.98 -19.90 -12.22
C ALA B 186 -16.59 -19.08 -13.44
N PRO B 187 -15.31 -18.67 -13.51
CA PRO B 187 -14.95 -17.80 -14.63
C PRO B 187 -14.71 -18.56 -15.92
N SER B 188 -14.95 -17.92 -17.06
CA SER B 188 -14.58 -18.50 -18.35
C SER B 188 -14.11 -17.40 -19.30
N ALA B 189 -13.18 -17.76 -20.18
CA ALA B 189 -12.60 -16.81 -21.11
C ALA B 189 -13.43 -16.77 -22.39
N ILE B 190 -14.14 -15.66 -22.58
CA ILE B 190 -14.98 -15.44 -23.74
C ILE B 190 -14.57 -14.10 -24.37
N ALA B 191 -14.51 -14.08 -25.70
CA ALA B 191 -14.16 -12.88 -26.43
C ALA B 191 -15.06 -11.69 -26.04
N TYR B 192 -14.47 -10.51 -25.95
CA TYR B 192 -15.22 -9.33 -25.50
C TYR B 192 -16.40 -9.00 -26.39
N ASN B 193 -16.25 -9.20 -27.70
CA ASN B 193 -17.34 -8.95 -28.63
C ASN B 193 -18.39 -10.06 -28.67
N GLU B 194 -18.27 -11.05 -27.79
CA GLU B 194 -19.25 -12.14 -27.70
C GLU B 194 -19.92 -12.17 -26.32
N VAL B 195 -19.49 -11.28 -25.42
CA VAL B 195 -20.03 -11.22 -24.07
C VAL B 195 -21.54 -10.97 -24.03
N TYR B 196 -21.99 -9.99 -24.80
CA TYR B 196 -23.39 -9.54 -24.78
C TYR B 196 -24.28 -10.74 -25.11
N ASN B 197 -23.96 -11.43 -26.19
CA ASN B 197 -24.74 -12.58 -26.61
C ASN B 197 -24.61 -13.78 -25.66
N ALA B 198 -23.44 -13.99 -25.07
CA ALA B 198 -23.28 -15.08 -24.12
C ALA B 198 -24.18 -14.90 -22.91
N ILE B 199 -24.36 -13.65 -22.50
CA ILE B 199 -25.32 -13.36 -21.44
C ILE B 199 -26.75 -13.61 -21.93
N GLN B 200 -27.09 -13.11 -23.12
CA GLN B 200 -28.43 -13.29 -23.69
C GLN B 200 -28.85 -14.74 -23.67
N THR B 201 -27.90 -15.64 -23.95
CA THR B 201 -28.21 -17.04 -24.16
C THR B 201 -28.03 -17.90 -22.92
N GLY B 202 -27.53 -17.30 -21.84
CA GLY B 202 -27.45 -17.99 -20.57
C GLY B 202 -26.15 -18.76 -20.36
N VAL B 203 -25.23 -18.67 -21.32
CA VAL B 203 -23.93 -19.31 -21.19
C VAL B 203 -23.18 -18.75 -19.97
N ILE B 204 -23.27 -17.44 -19.80
CA ILE B 204 -22.81 -16.75 -18.59
C ILE B 204 -23.94 -15.87 -17.99
N ALA B 205 -23.82 -15.60 -16.69
CA ALA B 205 -24.76 -14.78 -15.95
C ALA B 205 -24.27 -13.34 -15.87
N GLY B 206 -23.01 -13.12 -16.22
CA GLY B 206 -22.41 -11.80 -16.05
C GLY B 206 -20.96 -11.70 -16.46
N PHE B 207 -20.40 -10.53 -16.22
CA PHE B 207 -18.99 -10.28 -16.48
C PHE B 207 -18.53 -9.16 -15.57
N GLU B 208 -17.45 -8.47 -15.94
CA GLU B 208 -16.97 -7.38 -15.10
C GLU B 208 -16.31 -6.32 -15.97
N ASN B 209 -16.55 -5.05 -15.66
CA ASN B 209 -16.12 -3.95 -16.52
C ASN B 209 -16.29 -2.63 -15.80
N GLU B 210 -15.61 -1.61 -16.33
CA GLU B 210 -15.68 -0.26 -15.81
C GLU B 210 -16.83 0.54 -16.47
N ALA B 211 -17.15 1.70 -15.92
CA ALA B 211 -18.35 2.42 -16.29
C ALA B 211 -18.36 2.91 -17.73
N ALA B 212 -17.25 3.48 -18.19
CA ALA B 212 -17.22 4.09 -19.52
C ALA B 212 -17.56 3.10 -20.59
N SER B 213 -17.00 1.90 -20.50
CA SER B 213 -17.22 0.87 -21.52
C SER B 213 -18.61 0.20 -21.38
N ILE B 214 -19.08 0.03 -20.15
CA ILE B 214 -20.45 -0.45 -19.96
C ILE B 214 -21.47 0.50 -20.60
N GLN B 215 -21.29 1.79 -20.37
CA GLN B 215 -22.26 2.76 -20.87
C GLN B 215 -22.16 2.87 -22.39
N ASN B 216 -20.93 2.96 -22.90
CA ASN B 216 -20.74 3.24 -24.33
C ASN B 216 -21.27 2.12 -25.22
N LEU B 217 -21.11 0.90 -24.73
CA LEU B 217 -21.48 -0.30 -25.48
C LEU B 217 -22.82 -0.84 -25.03
N LYS B 218 -23.43 -0.19 -24.04
CA LYS B 218 -24.78 -0.51 -23.64
C LYS B 218 -24.92 -1.93 -23.12
N PHE B 219 -23.89 -2.41 -22.42
CA PHE B 219 -23.97 -3.72 -21.82
C PHE B 219 -25.09 -3.80 -20.77
N TYR B 220 -25.49 -2.65 -20.21
CA TYR B 220 -26.60 -2.62 -19.26
C TYR B 220 -27.89 -3.19 -19.83
N GLU B 221 -28.01 -3.26 -21.15
CA GLU B 221 -29.20 -3.80 -21.78
C GLU B 221 -29.45 -5.26 -21.42
N VAL B 222 -28.39 -6.04 -21.21
CA VAL B 222 -28.56 -7.46 -20.84
C VAL B 222 -28.08 -7.80 -19.43
N ALA B 223 -27.32 -6.90 -18.83
CA ALA B 223 -26.79 -7.10 -17.47
C ALA B 223 -27.03 -5.82 -16.68
N PRO B 224 -28.24 -5.67 -16.13
CA PRO B 224 -28.65 -4.41 -15.48
C PRO B 224 -28.31 -4.31 -14.01
N ASN B 225 -27.60 -5.29 -13.45
CA ASN B 225 -27.26 -5.29 -12.04
C ASN B 225 -25.76 -5.20 -11.79
N LEU B 226 -25.34 -4.09 -11.20
CA LEU B 226 -23.92 -3.84 -10.97
C LEU B 226 -23.64 -4.03 -9.49
N THR B 227 -22.56 -4.75 -9.20
CA THR B 227 -22.12 -4.93 -7.83
C THR B 227 -20.79 -4.23 -7.63
N LEU B 228 -20.75 -3.40 -6.59
CA LEU B 228 -19.57 -2.57 -6.31
C LEU B 228 -18.43 -3.34 -5.64
N THR B 229 -17.93 -4.34 -6.35
CA THR B 229 -16.75 -5.06 -5.94
C THR B 229 -15.51 -4.20 -6.07
N ARG B 230 -15.56 -3.23 -6.99
CA ARG B 230 -14.44 -2.30 -7.17
C ARG B 230 -13.10 -3.05 -7.18
N HIS B 231 -13.04 -4.11 -7.98
CA HIS B 231 -11.95 -5.08 -7.90
C HIS B 231 -10.75 -4.76 -8.79
N SER B 232 -10.90 -3.82 -9.72
CA SER B 232 -9.77 -3.34 -10.53
C SER B 232 -9.87 -1.87 -10.79
N ILE B 233 -8.73 -1.18 -10.77
CA ILE B 233 -8.60 0.15 -11.33
C ILE B 233 -7.71 -0.03 -12.54
N THR B 234 -8.16 0.40 -13.71
CA THR B 234 -7.49 -0.01 -14.94
C THR B 234 -6.23 0.81 -15.24
N VAL B 235 -5.23 0.11 -15.74
CA VAL B 235 -4.04 0.72 -16.32
C VAL B 235 -4.05 0.28 -17.77
N ARG B 236 -4.07 1.25 -18.68
CA ARG B 236 -4.26 0.98 -20.10
C ARG B 236 -3.18 1.68 -20.91
N PRO B 237 -2.08 0.96 -21.12
CA PRO B 237 -0.99 1.53 -21.92
C PRO B 237 -1.45 1.92 -23.31
N ILE B 238 -0.98 3.08 -23.74
CA ILE B 238 -0.97 3.49 -25.14
C ILE B 238 0.27 2.85 -25.73
N VAL B 239 0.08 2.09 -26.81
CA VAL B 239 1.17 1.27 -27.36
C VAL B 239 1.40 1.53 -28.85
N MSE B 240 2.64 1.36 -29.26
CA MSE B 240 2.99 1.40 -30.66
C MSE B 240 3.79 0.13 -30.97
O MSE B 240 4.50 -0.40 -30.12
CB MSE B 240 3.77 2.66 -31.00
CG MSE B 240 4.15 2.74 -32.45
SE MSE B 240 4.90 4.49 -32.95
CE MSE B 240 3.32 5.57 -32.71
H MSE B 240 3.30 1.24 -28.73
HA MSE B 240 2.17 1.38 -31.20
HB2 MSE B 240 3.22 3.44 -30.80
HB3 MSE B 240 4.59 2.69 -30.48
HG2 MSE B 240 4.81 2.06 -32.65
HG3 MSE B 240 3.35 2.59 -33.00
HE1 MSE B 240 3.53 6.49 -32.92
HE2 MSE B 240 2.64 5.26 -33.30
HE3 MSE B 240 3.03 5.51 -31.80
N SER B 241 3.67 -0.40 -32.18
CA SER B 241 4.49 -1.54 -32.52
C SER B 241 5.96 -1.13 -32.47
N GLY B 242 6.77 -2.02 -31.92
CA GLY B 242 8.20 -1.83 -31.90
C GLY B 242 8.72 -1.59 -33.31
N LYS B 243 8.25 -2.40 -34.26
CA LYS B 243 8.72 -2.27 -35.63
C LYS B 243 8.48 -0.86 -36.14
N THR B 244 7.28 -0.34 -35.95
CA THR B 244 6.97 0.97 -36.48
C THR B 244 7.70 2.05 -35.71
N PHE B 245 7.74 1.91 -34.38
CA PHE B 245 8.36 2.92 -33.56
C PHE B 245 9.84 3.10 -33.94
N ASN B 246 10.54 1.98 -34.07
CA ASN B 246 11.96 2.02 -34.37
C ASN B 246 12.26 2.51 -35.79
N SER B 247 11.25 2.47 -36.67
CA SER B 247 11.39 2.97 -38.04
C SER B 247 11.30 4.50 -38.13
N LEU B 248 10.74 5.15 -37.11
CA LEU B 248 10.55 6.60 -37.14
C LEU B 248 11.87 7.35 -36.94
N PRO B 249 11.99 8.54 -37.55
CA PRO B 249 13.19 9.34 -37.27
C PRO B 249 13.30 9.68 -35.80
N ALA B 250 14.54 9.85 -35.33
CA ALA B 250 14.80 10.00 -33.90
C ALA B 250 13.95 11.11 -33.28
N ASP B 251 13.77 12.20 -34.00
CA ASP B 251 13.02 13.33 -33.45
C ASP B 251 11.54 12.97 -33.30
N LEU B 252 10.99 12.26 -34.28
CA LEU B 252 9.59 11.83 -34.21
C LEU B 252 9.40 10.81 -33.09
N GLN B 253 10.37 9.93 -32.87
CA GLN B 253 10.30 9.03 -31.72
C GLN B 253 10.11 9.84 -30.43
N ALA B 254 10.93 10.88 -30.27
CA ALA B 254 10.88 11.71 -29.07
C ALA B 254 9.52 12.39 -28.92
N VAL B 255 8.99 12.90 -30.02
CA VAL B 255 7.66 13.53 -30.03
C VAL B 255 6.59 12.53 -29.63
N VAL B 256 6.70 11.30 -30.15
CA VAL B 256 5.72 10.25 -29.86
C VAL B 256 5.67 9.92 -28.37
N LEU B 257 6.84 9.83 -27.74
CA LEU B 257 6.91 9.60 -26.29
C LEU B 257 6.32 10.79 -25.49
N GLU B 258 6.60 12.03 -25.91
CA GLU B 258 6.05 13.21 -25.23
C GLU B 258 4.54 13.24 -25.38
N ALA B 259 4.08 13.01 -26.61
CA ALA B 259 2.66 13.05 -26.93
C ALA B 259 1.93 11.92 -26.23
N GLY B 260 2.57 10.75 -26.16
CA GLY B 260 2.01 9.59 -25.49
C GLY B 260 1.85 9.84 -24.01
N GLU B 261 2.88 10.41 -23.40
CA GLU B 261 2.83 10.71 -21.97
C GLU B 261 1.69 11.66 -21.64
N GLU B 262 1.59 12.74 -22.40
CA GLU B 262 0.61 13.79 -22.15
C GLU B 262 -0.79 13.33 -22.51
N ALA B 263 -0.92 12.53 -23.57
CA ALA B 263 -2.23 12.00 -23.96
C ALA B 263 -2.70 11.02 -22.91
N GLY B 264 -1.79 10.23 -22.37
CA GLY B 264 -2.13 9.32 -21.28
C GLY B 264 -2.66 10.08 -20.07
N ALA B 265 -1.91 11.08 -19.63
CA ALA B 265 -2.34 11.88 -18.49
C ALA B 265 -3.73 12.50 -18.73
N TYR B 266 -3.98 12.97 -19.95
CA TYR B 266 -5.30 13.53 -20.30
C TYR B 266 -6.39 12.48 -20.18
N GLY B 267 -6.12 11.29 -20.70
CA GLY B 267 -7.13 10.25 -20.80
C GLY B 267 -7.44 9.64 -19.44
N ARG B 268 -6.44 9.53 -18.58
CA ARG B 268 -6.74 8.92 -17.30
C ARG B 268 -7.37 9.91 -16.30
N GLU B 269 -7.10 11.20 -16.47
CA GLU B 269 -7.79 12.22 -15.69
C GLU B 269 -9.27 12.17 -16.08
N LEU B 270 -9.50 12.13 -17.39
CA LEU B 270 -10.85 12.08 -17.93
C LEU B 270 -11.59 10.84 -17.41
N GLU B 271 -11.03 9.64 -17.62
CA GLU B 271 -11.81 8.42 -17.31
C GLU B 271 -12.03 8.34 -15.80
N SER B 272 -11.00 8.65 -15.02
CA SER B 272 -11.12 8.54 -13.56
C SER B 272 -12.09 9.57 -12.96
N ARG B 273 -12.14 10.77 -13.52
CA ARG B 273 -13.13 11.75 -13.12
C ARG B 273 -14.58 11.33 -13.48
N GLU B 274 -14.75 10.73 -14.65
CA GLU B 274 -16.08 10.44 -15.17
C GLU B 274 -16.69 9.13 -14.66
N ASP B 275 -15.87 8.25 -14.10
CA ASP B 275 -16.35 6.89 -13.86
C ASP B 275 -17.59 6.85 -12.93
N GLY B 276 -17.50 7.49 -11.78
CA GLY B 276 -18.60 7.51 -10.84
C GLY B 276 -19.79 8.28 -11.37
N VAL B 277 -19.50 9.29 -12.19
CA VAL B 277 -20.54 10.09 -12.83
C VAL B 277 -21.36 9.20 -13.76
N LYS B 278 -20.69 8.42 -14.59
CA LYS B 278 -21.38 7.57 -15.55
C LYS B 278 -22.20 6.47 -14.85
N LEU B 279 -21.69 5.89 -13.77
CA LEU B 279 -22.52 4.99 -12.97
C LEU B 279 -23.81 5.66 -12.53
N GLN B 280 -23.72 6.88 -12.00
CA GLN B 280 -24.93 7.55 -11.53
C GLN B 280 -25.84 7.95 -12.69
N GLU B 281 -25.27 8.26 -13.85
CA GLU B 281 -26.11 8.60 -15.00
C GLU B 281 -26.98 7.40 -15.37
N MSE B 282 -26.40 6.21 -15.31
CA MSE B 282 -27.11 4.98 -15.65
C MSE B 282 -28.16 4.64 -14.60
O MSE B 282 -29.28 4.22 -14.93
CB MSE B 282 -26.10 3.84 -15.88
CG MSE B 282 -25.36 4.00 -17.19
SE MSE B 282 -24.20 2.48 -17.63
CE MSE B 282 -22.74 2.91 -16.44
H MSE B 282 -25.58 6.08 -15.08
HA MSE B 282 -27.58 5.13 -16.51
HB2 MSE B 282 -25.44 3.85 -15.16
HB3 MSE B 282 -26.56 3.00 -15.89
HG2 MSE B 282 -26.01 4.09 -17.91
HG3 MSE B 282 -24.80 4.79 -17.16
HE1 MSE B 282 -22.05 2.23 -16.54
HE2 MSE B 282 -22.38 3.76 -16.69
HE3 MSE B 282 -23.06 2.93 -15.55
N VAL B 283 -27.81 4.83 -13.33
CA VAL B 283 -28.81 4.70 -12.26
C VAL B 283 -29.98 5.70 -12.47
N ASP B 284 -29.64 6.98 -12.66
CA ASP B 284 -30.67 8.00 -12.79
C ASP B 284 -31.57 7.72 -14.00
N ALA B 285 -30.99 7.11 -15.04
CA ALA B 285 -31.75 6.84 -16.26
C ALA B 285 -32.50 5.52 -16.22
N GLY B 286 -32.44 4.83 -15.09
CA GLY B 286 -33.13 3.55 -14.96
C GLY B 286 -32.47 2.40 -15.70
N GLN B 287 -31.20 2.53 -16.03
CA GLN B 287 -30.50 1.52 -16.82
C GLN B 287 -29.76 0.47 -15.98
N LEU B 288 -29.33 0.89 -14.79
CA LEU B 288 -28.57 0.05 -13.86
C LEU B 288 -29.13 0.13 -12.45
N THR B 289 -29.06 -0.99 -11.75
CA THR B 289 -29.27 -1.01 -10.31
C THR B 289 -27.94 -1.33 -9.67
N VAL B 290 -27.47 -0.47 -8.78
CA VAL B 290 -26.14 -0.61 -8.19
C VAL B 290 -26.28 -1.10 -6.76
N SER B 291 -25.57 -2.16 -6.41
CA SER B 291 -25.63 -2.69 -5.04
C SER B 291 -24.23 -2.85 -4.49
N GLU B 292 -24.09 -2.70 -3.18
CA GLU B 292 -22.83 -3.04 -2.54
C GLU B 292 -22.71 -4.56 -2.45
N PHE B 293 -21.49 -5.07 -2.34
CA PHE B 293 -21.27 -6.46 -2.04
C PHE B 293 -21.18 -6.59 -0.54
N GLU B 294 -21.83 -7.61 0.02
CA GLU B 294 -22.05 -7.65 1.45
C GLU B 294 -20.80 -7.74 2.32
N ASN B 295 -19.75 -8.42 1.89
CA ASN B 295 -18.56 -8.48 2.74
C ASN B 295 -17.30 -8.29 1.94
N ARG B 296 -17.16 -7.13 1.31
CA ARG B 296 -16.06 -6.89 0.38
C ARG B 296 -14.67 -7.04 0.98
N ASP B 297 -14.46 -6.52 2.19
CA ASP B 297 -13.15 -6.60 2.85
C ASP B 297 -12.68 -8.05 2.89
N LYS B 298 -13.61 -8.98 3.02
CA LYS B 298 -13.25 -10.38 3.02
C LYS B 298 -12.66 -10.79 1.66
N MSE B 299 -13.07 -10.14 0.58
CA MSE B 299 -12.48 -10.46 -0.73
C MSE B 299 -10.99 -10.18 -0.72
O MSE B 299 -10.23 -10.95 -1.27
CB MSE B 299 -13.10 -9.65 -1.86
CG MSE B 299 -14.54 -9.88 -2.07
SE MSE B 299 -15.17 -8.91 -3.65
CE MSE B 299 -16.52 -10.26 -4.13
H MSE B 299 -13.66 -9.52 0.58
HA MSE B 299 -12.64 -11.41 -0.91
HB2 MSE B 299 -12.98 -8.70 -1.66
HB3 MSE B 299 -12.64 -9.88 -2.68
HG2 MSE B 299 -14.69 -10.83 -2.22
HG3 MSE B 299 -15.03 -9.57 -1.30
HE1 MSE B 299 -16.98 -9.98 -4.92
HE2 MSE B 299 -16.08 -11.11 -4.29
HE3 MSE B 299 -17.14 -10.36 -3.41
N LEU B 300 -10.60 -9.07 -0.11
CA LEU B 300 -9.18 -8.70 -0.11
C LEU B 300 -8.34 -9.83 0.50
N GLU B 301 -8.81 -10.39 1.61
CA GLU B 301 -8.10 -11.45 2.30
C GLU B 301 -8.03 -12.72 1.44
N MSE B 302 -9.10 -12.98 0.72
CA MSE B 302 -9.18 -14.19 -0.07
C MSE B 302 -8.30 -14.14 -1.32
O MSE B 302 -7.85 -15.18 -1.79
CB MSE B 302 -10.63 -14.47 -0.45
CG MSE B 302 -11.54 -14.70 0.73
SE MSE B 302 -13.37 -14.61 0.12
CE MSE B 302 -13.34 -16.24 -0.90
H MSE B 302 -9.80 -12.47 0.66
HA MSE B 302 -8.87 -14.94 0.49
HB2 MSE B 302 -10.97 -13.71 -0.95
HB3 MSE B 302 -10.66 -15.26 -1.01
HG2 MSE B 302 -11.37 -15.58 1.09
HG3 MSE B 302 -11.39 -14.01 1.39
HE1 MSE B 302 -14.20 -16.38 -1.30
HE2 MSE B 302 -12.67 -16.17 -1.59
HE3 MSE B 302 -13.13 -16.97 -0.31
N VAL B 303 -8.04 -12.96 -1.89
CA VAL B 303 -7.29 -12.89 -3.13
C VAL B 303 -5.79 -12.64 -2.94
N LYS B 304 -5.36 -12.27 -1.74
CA LYS B 304 -3.93 -11.97 -1.52
C LYS B 304 -2.98 -13.15 -1.84
N PRO B 305 -3.34 -14.36 -1.44
CA PRO B 305 -2.46 -15.48 -1.76
C PRO B 305 -2.31 -15.72 -3.26
N VAL B 306 -3.39 -15.56 -4.01
CA VAL B 306 -3.35 -15.70 -5.46
C VAL B 306 -2.47 -14.62 -6.09
N GLN B 307 -2.59 -13.38 -5.61
CA GLN B 307 -1.73 -12.32 -6.11
C GLN B 307 -0.26 -12.68 -5.87
N ASP B 308 0.01 -13.13 -4.65
CA ASP B 308 1.36 -13.45 -4.22
C ASP B 308 1.94 -14.61 -5.03
N ALA B 309 1.10 -15.63 -5.29
CA ALA B 309 1.56 -16.82 -5.98
C ALA B 309 1.89 -16.49 -7.43
N TYR B 310 1.11 -15.63 -8.04
CA TYR B 310 1.36 -15.20 -9.40
C TYR B 310 2.67 -14.41 -9.48
N ALA B 311 2.85 -13.43 -8.60
CA ALA B 311 4.10 -12.68 -8.57
C ALA B 311 5.31 -13.61 -8.39
N ALA B 312 5.20 -14.59 -7.50
CA ALA B 312 6.30 -15.51 -7.28
C ALA B 312 6.62 -16.33 -8.55
N GLU B 313 5.58 -16.75 -9.26
CA GLU B 313 5.78 -17.61 -10.42
C GLU B 313 6.52 -16.87 -11.54
N ILE B 314 6.28 -15.56 -11.67
CA ILE B 314 6.97 -14.79 -12.71
C ILE B 314 8.25 -14.09 -12.21
N GLY B 315 8.61 -14.30 -10.96
CA GLY B 315 9.82 -13.74 -10.41
C GLY B 315 9.69 -12.24 -10.14
N ALA B 316 8.50 -11.81 -9.78
CA ALA B 316 8.23 -10.37 -9.56
C ALA B 316 7.79 -10.07 -8.14
N SER B 317 8.20 -10.87 -7.17
CA SER B 317 7.74 -10.64 -5.81
C SER B 317 8.18 -9.26 -5.29
N ASP B 318 9.42 -8.87 -5.60
CA ASP B 318 9.93 -7.60 -5.10
C ASP B 318 9.17 -6.44 -5.74
N LEU B 319 8.91 -6.56 -7.03
CA LEU B 319 8.14 -5.55 -7.76
C LEU B 319 6.75 -5.37 -7.16
N LEU B 320 6.09 -6.49 -6.87
CA LEU B 320 4.78 -6.43 -6.25
C LEU B 320 4.83 -5.72 -4.90
N GLU B 321 5.85 -6.01 -4.10
CA GLU B 321 6.00 -5.40 -2.78
C GLU B 321 6.17 -3.89 -2.97
N ALA B 322 6.94 -3.52 -4.00
CA ALA B 322 7.25 -2.12 -4.28
C ALA B 322 6.00 -1.37 -4.70
N VAL B 323 5.19 -1.97 -5.59
CA VAL B 323 3.94 -1.34 -5.99
C VAL B 323 3.01 -1.19 -4.78
N ARG B 324 2.93 -2.22 -3.94
CA ARG B 324 2.02 -2.18 -2.80
C ARG B 324 2.41 -1.05 -1.85
N ALA B 325 3.70 -0.75 -1.77
CA ALA B 325 4.19 0.26 -0.79
C ALA B 325 4.11 1.70 -1.30
N LYS B 326 3.61 1.89 -2.52
CA LYS B 326 3.37 3.23 -3.05
C LYS B 326 2.07 3.78 -2.48
C1 MAV C . 9.37 7.12 16.73
O1 MAV C . 8.91 8.42 17.10
C2 MAV C . 8.37 6.09 17.26
O2 MAV C . 8.65 4.81 16.78
C3 MAV C . 8.41 6.08 18.81
O3 MAV C . 7.52 5.02 19.30
C4 MAV C . 9.83 5.85 19.30
O4 MAV C . 9.83 5.96 20.74
C5 MAV C . 10.76 6.95 18.71
O5 MAV C . 10.66 6.89 17.25
C6 MAV C . 12.23 6.74 19.12
O6A MAV C . 12.51 6.91 20.34
O6B MAV C . 13.06 6.47 18.22
C1 MAV D . -12.97 -2.54 -21.46
O1 MAV D . -13.53 -2.30 -22.75
C2 MAV D . -11.54 -1.97 -21.44
O2 MAV D . -11.00 -2.05 -20.12
C3 MAV D . -10.65 -2.75 -22.44
O3 MAV D . -9.30 -2.30 -22.38
C4 MAV D . -10.71 -4.23 -22.11
O4 MAV D . -9.99 -4.95 -23.14
C5 MAV D . -12.19 -4.71 -22.13
O5 MAV D . -13.02 -3.96 -21.16
C6 MAV D . -12.32 -6.24 -21.81
O6A MAV D . -12.85 -6.55 -20.75
O6B MAV D . -11.87 -7.08 -22.65
#